data_4K4T
#
_entry.id   4K4T
#
_cell.length_a   59.401
_cell.length_b   59.248
_cell.length_c   97.455
_cell.angle_alpha   78.110
_cell.angle_beta   78.090
_cell.angle_gamma   78.850
#
_symmetry.space_group_name_H-M   'P 1'
#
loop_
_entity.id
_entity.type
_entity.pdbx_description
1 polymer 'RNA-directed RNA polymerase 3D-POL'
2 polymer "RNA (5'-R(*AP*AP*GP*UP*CP*UP*CP*CP*AP*GP*GP*UP*CP*UP*CP*UP*CP*GP*GP*AP*AP*A)-3')"
3 polymer "RNA (5'-R(P*UP*GP*UP*UP*CP*CP*GP*AP*GP*AP*GP*A)-3')"
4 polymer "RNA (5'-R(*GP*GP*GP*AP*GP*AP*UP*GP*A)-3')"
5 non-polymer GLYCEROL
6 non-polymer 'ZINC ION'
7 water water
#
loop_
_entity_poly.entity_id
_entity_poly.type
_entity_poly.pdbx_seq_one_letter_code
_entity_poly.pdbx_strand_id
1 'polypeptide(L)'
;GEIQWMRPSKEVGYPIINAPSKTKLEPSAFHYVFEGVKEPAVLTKNDPRLKTDFEEAIFSKYVGNKITEVDEYMKEAVDH
YAGQLMSLDINTEQMCLEDAMYGTDGLEALDLSTSAGYPYVAMGKKKRDILNKQTRDTKEMQKLLDTYGINLPLVTYVKD
ELRSKTKVEQGKSRLIEASSLNDSVAMRMAFGNLYAAFHKNPGVITGSAVGCDPDLFWSKIPVLMEEKLFAFDYTGYDAS
LSPAWFEALKMVLEKIGFGDRVDYIDYLNHSHHLYKNKTYCVKGGMPSGCSGTSIFNSMINNLIIRTLLLKTYKGIDLDH
LKMIAYGDDVIASYPHEVDASLLAQSGKDYGLTMTPADKSATFETVTWENVTFLKRFFRADEKYPFLIHPVMPMKEIHES
IRWTKDPRNTQDHVRSLCLLAWHNGEEEYNKFLAKIRSVPIGRALDLPEYSTLYRRWLDSFGSSSHHHHHH
;
A,E
2 'polyribonucleotide' AAGUCUCCAGGUCUCUCGGAAA B,F
3 'polyribonucleotide' UGUUCCGAGAGA C,G
4 'polyribonucleotide' GGGAGAUGA D,H
#
loop_
_chem_comp.id
_chem_comp.type
_chem_comp.name
_chem_comp.formula
A RNA linking ADENOSINE-5'-MONOPHOSPHATE 'C10 H14 N5 O7 P'
C RNA linking CYTIDINE-5'-MONOPHOSPHATE 'C9 H14 N3 O8 P'
G RNA linking GUANOSINE-5'-MONOPHOSPHATE 'C10 H14 N5 O8 P'
GOL non-polymer GLYCEROL 'C3 H8 O3'
U RNA linking URIDINE-5'-MONOPHOSPHATE 'C9 H13 N2 O9 P'
ZN non-polymer 'ZINC ION' 'Zn 2'
#
# COMPACT_ATOMS: atom_id res chain seq x y z
N GLY A 1 -6.94 -50.78 -6.68
CA GLY A 1 -5.79 -50.52 -7.53
C GLY A 1 -4.85 -51.72 -7.58
N GLU A 2 -4.38 -52.04 -8.77
CA GLU A 2 -3.64 -53.27 -9.04
C GLU A 2 -2.82 -53.20 -10.31
N ILE A 3 -1.57 -53.65 -10.23
CA ILE A 3 -0.72 -53.66 -11.41
C ILE A 3 -1.18 -54.73 -12.38
N GLN A 4 -1.12 -54.40 -13.67
CA GLN A 4 -1.53 -55.29 -14.75
C GLN A 4 -0.31 -55.95 -15.37
N TRP A 5 0.74 -55.17 -15.54
CA TRP A 5 2.04 -55.73 -15.96
C TRP A 5 3.20 -54.82 -15.55
N MET A 6 4.39 -55.41 -15.52
CA MET A 6 5.63 -54.69 -15.23
C MET A 6 6.77 -55.35 -15.99
N ARG A 7 7.64 -54.53 -16.59
CA ARG A 7 8.70 -55.02 -17.46
C ARG A 7 9.72 -53.91 -17.66
N PRO A 8 10.97 -54.26 -18.04
CA PRO A 8 12.10 -53.31 -18.08
C PRO A 8 11.98 -52.29 -19.20
N SER A 9 11.74 -51.04 -18.81
CA SER A 9 11.67 -49.88 -19.70
C SER A 9 12.28 -50.06 -21.09
N LYS A 10 13.49 -50.63 -21.14
CA LYS A 10 14.23 -50.81 -22.40
C LYS A 10 13.59 -51.81 -23.35
N GLU A 11 12.80 -52.74 -22.79
CA GLU A 11 12.01 -53.67 -23.58
C GLU A 11 11.03 -52.98 -24.52
N VAL A 12 10.44 -51.86 -24.08
CA VAL A 12 9.43 -51.16 -24.90
C VAL A 12 9.86 -49.76 -25.34
N GLY A 13 11.14 -49.44 -25.20
CA GLY A 13 11.69 -48.19 -25.69
C GLY A 13 11.63 -46.99 -24.74
N TYR A 14 11.14 -47.18 -23.53
CA TYR A 14 11.08 -46.05 -22.62
C TYR A 14 12.41 -45.86 -21.90
N PRO A 15 12.76 -44.59 -21.61
CA PRO A 15 14.07 -44.34 -21.00
C PRO A 15 14.09 -44.72 -19.53
N ILE A 16 15.30 -44.92 -19.02
CA ILE A 16 15.52 -45.18 -17.61
C ILE A 16 15.53 -43.81 -16.95
N ILE A 17 14.97 -43.70 -15.75
CA ILE A 17 15.08 -42.45 -14.99
C ILE A 17 15.90 -42.67 -13.76
N ASN A 18 16.93 -41.87 -13.58
CA ASN A 18 17.67 -41.96 -12.35
C ASN A 18 17.28 -40.89 -11.35
N ALA A 19 16.57 -41.31 -10.30
CA ALA A 19 16.42 -40.46 -9.13
C ALA A 19 17.74 -40.47 -8.41
N PRO A 20 18.12 -39.34 -7.78
CA PRO A 20 19.22 -39.38 -6.82
C PRO A 20 18.98 -40.47 -5.78
N SER A 21 20.05 -41.10 -5.29
CA SER A 21 19.89 -42.29 -4.46
C SER A 21 20.19 -42.00 -3.01
N LYS A 22 20.53 -40.75 -2.74
CA LYS A 22 20.89 -40.34 -1.39
C LYS A 22 19.94 -39.25 -0.98
N THR A 23 19.55 -39.29 0.29
CA THR A 23 18.64 -38.31 0.87
C THR A 23 19.33 -36.96 1.06
N LYS A 24 18.53 -35.89 1.04
CA LYS A 24 19.01 -34.56 1.36
C LYS A 24 18.86 -34.28 2.86
N LEU A 25 18.35 -35.24 3.61
CA LEU A 25 18.03 -35.00 5.01
C LEU A 25 19.27 -35.26 5.85
N GLU A 26 19.91 -34.18 6.31
CA GLU A 26 21.01 -34.28 7.26
C GLU A 26 20.43 -34.10 8.66
N PRO A 27 21.19 -34.49 9.71
CA PRO A 27 20.87 -34.09 11.08
C PRO A 27 21.03 -32.59 11.30
N SER A 28 20.18 -32.01 12.15
CA SER A 28 20.14 -30.57 12.34
C SER A 28 20.96 -30.11 13.55
N ALA A 29 21.21 -28.79 13.65
CA ALA A 29 21.83 -28.19 14.83
C ALA A 29 21.24 -28.70 16.12
N PHE A 30 19.93 -29.01 16.07
CA PHE A 30 19.16 -29.35 17.25
C PHE A 30 18.93 -30.85 17.35
N HIS A 31 19.68 -31.63 16.57
CA HIS A 31 19.52 -33.10 16.53
C HIS A 31 19.52 -33.76 17.90
N TYR A 32 20.36 -33.27 18.83
CA TYR A 32 20.50 -33.91 20.14
C TYR A 32 19.81 -33.14 21.24
N VAL A 33 19.33 -31.96 20.90
CA VAL A 33 18.53 -31.16 21.83
C VAL A 33 17.18 -31.79 22.07
N PHE A 34 16.61 -32.37 21.02
CA PHE A 34 15.32 -33.01 21.13
C PHE A 34 15.40 -34.50 20.86
N GLU A 35 14.49 -35.23 21.49
CA GLU A 35 14.45 -36.68 21.33
C GLU A 35 13.41 -37.05 20.31
N GLY A 36 13.76 -38.00 19.45
CA GLY A 36 12.90 -38.41 18.35
C GLY A 36 13.40 -39.66 17.65
N VAL A 37 12.49 -40.36 16.97
CA VAL A 37 12.73 -41.73 16.52
C VAL A 37 12.52 -41.94 15.02
N LYS A 38 12.12 -40.88 14.32
CA LYS A 38 11.96 -40.98 12.89
C LYS A 38 13.31 -40.72 12.23
N GLU A 39 13.56 -41.43 11.14
CA GLU A 39 14.75 -41.24 10.31
C GLU A 39 14.35 -41.14 8.84
N PRO A 40 15.29 -40.75 7.94
CA PRO A 40 15.04 -40.74 6.49
C PRO A 40 14.47 -42.05 5.94
N ALA A 41 13.60 -41.92 4.95
CA ALA A 41 12.88 -43.05 4.39
C ALA A 41 13.81 -43.78 3.46
N VAL A 42 13.47 -45.02 3.15
CA VAL A 42 14.37 -45.82 2.34
C VAL A 42 14.19 -45.46 0.87
N LEU A 43 15.30 -45.11 0.23
CA LEU A 43 15.26 -44.60 -1.13
C LEU A 43 15.66 -45.66 -2.17
N THR A 44 16.62 -46.54 -1.84
CA THR A 44 17.06 -47.61 -2.75
C THR A 44 16.94 -48.98 -2.07
N LYS A 45 17.37 -50.06 -2.73
CA LYS A 45 17.25 -51.38 -2.12
C LYS A 45 18.59 -51.94 -1.68
N ASN A 46 19.67 -51.45 -2.25
CA ASN A 46 21.00 -51.75 -1.72
C ASN A 46 21.20 -50.88 -0.47
N ASP A 47 20.40 -51.17 0.56
CA ASP A 47 20.36 -50.36 1.77
C ASP A 47 20.36 -51.25 2.99
N PRO A 48 21.35 -51.05 3.87
CA PRO A 48 21.61 -51.81 5.10
C PRO A 48 20.33 -52.04 5.92
N ARG A 49 19.73 -50.95 6.40
CA ARG A 49 18.66 -51.03 7.39
C ARG A 49 17.40 -51.76 6.88
N LEU A 50 17.37 -52.09 5.60
CA LEU A 50 16.25 -52.87 5.08
C LEU A 50 16.21 -54.23 5.78
N LYS A 51 15.02 -54.60 6.23
CA LYS A 51 14.80 -55.85 6.96
C LYS A 51 14.04 -56.85 6.09
N THR A 52 13.38 -56.35 5.05
CA THR A 52 12.75 -57.19 4.04
C THR A 52 12.87 -56.56 2.64
N ASP A 53 12.23 -57.14 1.62
CA ASP A 53 12.45 -56.72 0.23
C ASP A 53 11.83 -55.37 -0.09
N PHE A 54 12.63 -54.51 -0.72
CA PHE A 54 12.20 -53.14 -0.99
C PHE A 54 11.06 -53.04 -2.00
N GLU A 55 11.37 -53.28 -3.28
CA GLU A 55 10.37 -53.16 -4.35
C GLU A 55 9.06 -53.89 -4.01
N GLU A 56 9.18 -55.14 -3.58
CA GLU A 56 8.02 -55.91 -3.10
C GLU A 56 7.15 -55.13 -2.12
N ALA A 57 7.78 -54.26 -1.34
CA ALA A 57 7.08 -53.57 -0.28
C ALA A 57 6.41 -52.31 -0.80
N ILE A 58 7.17 -51.49 -1.53
CA ILE A 58 6.65 -50.20 -2.00
C ILE A 58 5.46 -50.37 -2.92
N PHE A 59 5.32 -51.56 -3.50
CA PHE A 59 4.23 -51.84 -4.44
C PHE A 59 3.09 -52.66 -3.84
N SER A 60 3.25 -53.13 -2.61
CA SER A 60 2.21 -53.92 -1.97
C SER A 60 0.89 -53.12 -1.78
N LYS A 61 0.93 -51.82 -2.02
CA LYS A 61 -0.28 -50.99 -1.86
C LYS A 61 -1.34 -51.39 -2.87
N TYR A 62 -0.89 -51.75 -4.06
CA TYR A 62 -1.81 -52.16 -5.09
C TYR A 62 -2.30 -53.57 -4.79
N VAL A 63 -3.09 -53.64 -3.73
CA VAL A 63 -3.58 -54.90 -3.18
C VAL A 63 -4.51 -55.63 -4.14
N GLY A 64 -5.52 -54.94 -4.64
CA GLY A 64 -6.39 -55.49 -5.66
C GLY A 64 -7.52 -54.52 -5.95
N ASN A 65 -8.28 -54.78 -6.99
CA ASN A 65 -9.56 -54.08 -7.17
C ASN A 65 -10.63 -55.04 -6.70
N LYS A 66 -11.72 -54.52 -6.14
CA LYS A 66 -12.66 -55.39 -5.46
C LYS A 66 -14.05 -55.38 -6.11
N ILE A 67 -14.63 -54.21 -6.27
CA ILE A 67 -15.86 -54.11 -7.05
C ILE A 67 -15.51 -53.70 -8.47
N THR A 68 -16.45 -53.86 -9.38
CA THR A 68 -16.26 -53.38 -10.74
C THR A 68 -17.44 -52.50 -11.12
N GLU A 69 -18.58 -52.77 -10.49
CA GLU A 69 -19.84 -52.08 -10.79
C GLU A 69 -20.37 -51.20 -9.65
N VAL A 70 -20.83 -50.03 -10.07
CA VAL A 70 -21.56 -49.10 -9.24
C VAL A 70 -22.87 -49.77 -8.77
N ASP A 71 -23.01 -49.98 -7.46
CA ASP A 71 -24.29 -50.46 -6.94
C ASP A 71 -25.25 -49.33 -6.56
N GLU A 72 -26.39 -49.69 -5.99
CA GLU A 72 -27.48 -48.74 -5.89
C GLU A 72 -27.20 -47.71 -4.81
N TYR A 73 -26.43 -48.12 -3.81
CA TYR A 73 -26.07 -47.26 -2.69
C TYR A 73 -25.05 -46.23 -3.16
N MET A 74 -24.17 -46.68 -4.05
CA MET A 74 -23.21 -45.79 -4.69
C MET A 74 -23.95 -44.77 -5.54
N LYS A 75 -24.87 -45.26 -6.37
CA LYS A 75 -25.71 -44.37 -7.19
C LYS A 75 -26.47 -43.35 -6.32
N GLU A 76 -26.95 -43.77 -5.16
CA GLU A 76 -27.68 -42.90 -4.23
C GLU A 76 -26.72 -41.84 -3.67
N ALA A 77 -25.60 -42.30 -3.12
CA ALA A 77 -24.51 -41.43 -2.71
C ALA A 77 -24.26 -40.35 -3.78
N VAL A 78 -23.94 -40.83 -4.98
CA VAL A 78 -23.67 -39.95 -6.09
C VAL A 78 -24.74 -38.87 -6.18
N ASP A 79 -26.01 -39.30 -6.15
CA ASP A 79 -27.12 -38.39 -6.37
C ASP A 79 -27.12 -37.32 -5.29
N HIS A 80 -26.97 -37.77 -4.05
CA HIS A 80 -27.09 -36.86 -2.94
C HIS A 80 -25.97 -35.87 -2.95
N TYR A 81 -24.76 -36.38 -3.17
CA TYR A 81 -23.55 -35.56 -3.22
C TYR A 81 -23.63 -34.57 -4.39
N ALA A 82 -24.05 -35.06 -5.56
CA ALA A 82 -24.11 -34.21 -6.74
C ALA A 82 -25.04 -33.02 -6.50
N GLY A 83 -26.20 -33.30 -5.92
CA GLY A 83 -27.19 -32.26 -5.68
C GLY A 83 -26.70 -31.28 -4.63
N GLN A 84 -25.86 -31.77 -3.73
CA GLN A 84 -25.18 -30.87 -2.81
C GLN A 84 -24.34 -29.82 -3.55
N LEU A 85 -23.61 -30.25 -4.58
CA LEU A 85 -22.65 -29.41 -5.27
C LEU A 85 -23.31 -28.44 -6.24
N MET A 86 -24.54 -28.75 -6.63
CA MET A 86 -25.22 -27.88 -7.58
C MET A 86 -25.63 -26.61 -6.88
N SER A 87 -25.78 -26.71 -5.57
CA SER A 87 -26.07 -25.56 -4.72
C SER A 87 -25.05 -24.42 -4.83
N LEU A 88 -23.88 -24.72 -5.39
CA LEU A 88 -22.80 -23.75 -5.40
C LEU A 88 -22.63 -22.95 -6.68
N ASP A 89 -23.51 -23.16 -7.65
CA ASP A 89 -23.43 -22.46 -8.94
C ASP A 89 -22.00 -22.47 -9.48
N ILE A 90 -21.52 -23.65 -9.85
CA ILE A 90 -20.14 -23.79 -10.25
C ILE A 90 -19.98 -23.61 -11.74
N ASN A 91 -19.19 -22.61 -12.13
CA ASN A 91 -18.82 -22.38 -13.53
C ASN A 91 -18.31 -23.66 -14.20
N THR A 92 -19.00 -24.14 -15.20
CA THR A 92 -18.61 -25.40 -15.80
C THR A 92 -17.81 -25.21 -17.07
N GLU A 93 -17.40 -23.97 -17.33
CA GLU A 93 -16.64 -23.66 -18.53
C GLU A 93 -15.19 -24.09 -18.43
N GLN A 94 -14.64 -24.54 -19.56
CA GLN A 94 -13.21 -24.72 -19.66
C GLN A 94 -12.50 -23.46 -19.22
N MET A 95 -11.38 -23.64 -18.53
CA MET A 95 -10.58 -22.50 -18.11
C MET A 95 -9.59 -22.22 -19.24
N CYS A 96 -9.31 -20.95 -19.53
CA CYS A 96 -8.43 -20.65 -20.67
C CYS A 96 -6.99 -21.06 -20.37
N LEU A 97 -6.25 -21.48 -21.41
CA LEU A 97 -4.86 -21.91 -21.26
C LEU A 97 -4.03 -20.97 -20.36
N GLU A 98 -4.26 -19.67 -20.48
CA GLU A 98 -3.47 -18.69 -19.71
C GLU A 98 -3.76 -18.79 -18.23
N ASP A 99 -5.02 -19.01 -17.89
CA ASP A 99 -5.42 -19.08 -16.49
C ASP A 99 -5.06 -20.43 -15.91
N ALA A 100 -5.17 -21.46 -16.73
CA ALA A 100 -4.78 -22.78 -16.32
C ALA A 100 -3.33 -22.71 -15.88
N MET A 101 -2.48 -22.24 -16.80
CA MET A 101 -1.04 -22.18 -16.60
C MET A 101 -0.60 -21.29 -15.45
N TYR A 102 -1.14 -20.08 -15.40
CA TYR A 102 -0.57 -19.04 -14.55
C TYR A 102 -1.41 -18.64 -13.35
N GLY A 103 -2.51 -19.34 -13.12
CA GLY A 103 -3.33 -19.02 -11.97
C GLY A 103 -4.43 -17.99 -12.22
N THR A 104 -5.33 -17.89 -11.24
CA THR A 104 -6.46 -16.97 -11.25
C THR A 104 -7.07 -17.05 -9.86
N ASP A 105 -8.15 -16.32 -9.63
CA ASP A 105 -8.81 -16.37 -8.35
C ASP A 105 -9.25 -17.80 -7.98
N GLY A 106 -8.55 -18.40 -7.01
CA GLY A 106 -8.90 -19.71 -6.51
C GLY A 106 -7.96 -20.82 -6.93
N LEU A 107 -7.03 -20.50 -7.80
CA LEU A 107 -6.07 -21.49 -8.29
C LEU A 107 -4.73 -20.85 -8.50
N GLU A 108 -3.69 -21.33 -7.81
CA GLU A 108 -2.33 -20.78 -7.99
C GLU A 108 -1.70 -21.37 -9.23
N ALA A 109 -0.58 -20.80 -9.64
CA ALA A 109 0.04 -21.19 -10.88
C ALA A 109 0.68 -22.59 -10.78
N LEU A 110 1.03 -23.17 -11.92
CA LEU A 110 1.89 -24.34 -11.92
C LEU A 110 3.20 -24.03 -11.14
N ASP A 111 3.77 -25.04 -10.48
CA ASP A 111 5.00 -24.82 -9.72
C ASP A 111 6.21 -24.86 -10.65
N LEU A 112 6.86 -23.72 -10.80
CA LEU A 112 7.98 -23.59 -11.72
C LEU A 112 9.21 -24.26 -11.14
N SER A 113 9.12 -24.62 -9.87
CA SER A 113 10.24 -25.26 -9.24
C SER A 113 10.02 -26.75 -9.06
N THR A 114 9.50 -27.40 -10.10
CA THR A 114 9.23 -28.82 -10.08
C THR A 114 9.31 -29.39 -11.48
N SER A 115 9.66 -30.68 -11.53
CA SER A 115 9.75 -31.46 -12.77
C SER A 115 8.60 -31.21 -13.77
N ALA A 116 8.92 -31.28 -15.06
CA ALA A 116 7.88 -31.16 -16.07
C ALA A 116 7.40 -32.54 -16.46
N GLY A 117 7.99 -33.57 -15.86
CA GLY A 117 7.60 -34.94 -16.14
C GLY A 117 7.88 -35.39 -17.56
N TYR A 118 7.30 -36.52 -17.92
CA TYR A 118 7.43 -37.06 -19.27
C TYR A 118 6.85 -36.14 -20.34
N PRO A 119 7.62 -35.93 -21.42
CA PRO A 119 8.96 -36.49 -21.62
C PRO A 119 10.07 -35.49 -21.36
N TYR A 120 9.72 -34.32 -20.86
CA TYR A 120 10.67 -33.23 -20.74
C TYR A 120 11.83 -33.65 -19.84
N VAL A 121 11.56 -34.57 -18.93
CA VAL A 121 12.56 -34.99 -17.97
C VAL A 121 13.64 -35.84 -18.62
N ALA A 122 13.31 -36.47 -19.75
CA ALA A 122 14.27 -37.25 -20.53
C ALA A 122 14.95 -36.41 -21.60
N MET A 123 14.82 -35.10 -21.50
CA MET A 123 15.46 -34.18 -22.44
C MET A 123 16.01 -32.99 -21.68
N GLY A 124 16.17 -33.15 -20.37
CA GLY A 124 16.60 -32.07 -19.51
C GLY A 124 15.86 -30.78 -19.77
N LYS A 125 14.55 -30.87 -19.95
CA LYS A 125 13.75 -29.67 -20.11
C LYS A 125 13.00 -29.39 -18.81
N LYS A 126 12.86 -28.11 -18.47
CA LYS A 126 12.22 -27.74 -17.21
C LYS A 126 11.03 -26.86 -17.50
N LYS A 127 10.18 -26.69 -16.50
CA LYS A 127 9.04 -25.78 -16.63
C LYS A 127 9.52 -24.38 -16.98
N ARG A 128 10.68 -24.00 -16.45
CA ARG A 128 11.16 -22.64 -16.70
C ARG A 128 11.56 -22.46 -18.15
N ASP A 129 11.72 -23.57 -18.87
CA ASP A 129 12.08 -23.48 -20.27
C ASP A 129 10.86 -23.15 -21.14
N ILE A 130 9.67 -23.40 -20.58
CA ILE A 130 8.41 -23.28 -21.29
C ILE A 130 7.53 -22.17 -20.70
N LEU A 131 7.41 -22.11 -19.40
CA LEU A 131 6.53 -21.08 -18.84
C LEU A 131 7.28 -19.85 -18.37
N ASN A 132 6.59 -18.73 -18.48
CA ASN A 132 7.12 -17.44 -18.08
C ASN A 132 6.02 -16.57 -17.43
N LYS A 133 6.14 -16.39 -16.12
CA LYS A 133 5.13 -15.72 -15.35
C LYS A 133 5.02 -14.23 -15.64
N GLN A 134 6.11 -13.59 -16.01
CA GLN A 134 6.05 -12.14 -16.09
C GLN A 134 5.38 -11.68 -17.37
N THR A 135 5.44 -12.50 -18.42
CA THR A 135 4.66 -12.19 -19.64
C THR A 135 3.39 -13.03 -19.80
N ARG A 136 3.25 -14.07 -18.98
CA ARG A 136 2.18 -15.06 -19.11
C ARG A 136 1.98 -15.55 -20.54
N ASP A 137 3.08 -15.89 -21.21
CA ASP A 137 3.03 -16.37 -22.60
C ASP A 137 2.48 -17.82 -22.72
N THR A 138 1.61 -18.02 -23.69
CA THR A 138 1.01 -19.34 -23.86
C THR A 138 1.53 -20.05 -25.11
N LYS A 139 2.14 -19.31 -26.04
CA LYS A 139 2.41 -19.87 -27.36
C LYS A 139 3.16 -21.18 -27.33
N GLU A 140 4.30 -21.24 -26.62
CA GLU A 140 5.12 -22.44 -26.58
C GLU A 140 4.43 -23.64 -25.88
N MET A 141 3.52 -23.36 -24.96
CA MET A 141 2.76 -24.41 -24.33
C MET A 141 1.73 -25.02 -25.28
N GLN A 142 1.01 -24.18 -26.01
CA GLN A 142 0.07 -24.68 -27.00
C GLN A 142 0.80 -25.53 -28.01
N LYS A 143 1.97 -25.06 -28.41
CA LYS A 143 2.82 -25.78 -29.35
C LYS A 143 3.22 -27.15 -28.80
N LEU A 144 3.68 -27.19 -27.55
CA LEU A 144 3.96 -28.48 -26.91
C LEU A 144 2.71 -29.34 -26.66
N LEU A 145 1.57 -28.70 -26.40
CA LEU A 145 0.31 -29.44 -26.33
C LEU A 145 -0.10 -30.07 -27.64
N ASP A 146 0.20 -29.39 -28.75
CA ASP A 146 -0.03 -29.99 -30.06
C ASP A 146 0.93 -31.15 -30.23
N THR A 147 2.21 -30.91 -29.96
CA THR A 147 3.22 -31.94 -30.22
C THR A 147 2.99 -33.28 -29.50
N TYR A 148 2.97 -33.27 -28.18
CA TYR A 148 2.90 -34.52 -27.41
C TYR A 148 1.49 -34.97 -27.06
N GLY A 149 0.59 -34.01 -27.01
CA GLY A 149 -0.80 -34.30 -26.71
C GLY A 149 -0.91 -34.54 -25.23
N ILE A 150 -1.77 -35.46 -24.85
CA ILE A 150 -2.04 -35.70 -23.42
C ILE A 150 -2.04 -37.19 -23.10
N ASN A 151 -2.38 -37.53 -21.86
CA ASN A 151 -2.39 -38.93 -21.43
C ASN A 151 -1.01 -39.59 -21.52
N LEU A 152 0.00 -38.86 -21.10
CA LEU A 152 1.38 -39.36 -21.07
C LEU A 152 1.68 -40.15 -19.80
N PRO A 153 2.61 -41.11 -19.88
CA PRO A 153 2.99 -41.79 -18.65
C PRO A 153 3.48 -40.87 -17.50
N LEU A 154 3.17 -41.28 -16.27
CA LEU A 154 3.64 -40.64 -15.06
C LEU A 154 5.02 -41.21 -14.67
N VAL A 155 5.89 -40.38 -14.09
CA VAL A 155 7.16 -40.90 -13.58
C VAL A 155 7.13 -41.15 -12.07
N THR A 156 7.42 -42.39 -11.66
CA THR A 156 7.43 -42.72 -10.23
C THR A 156 8.74 -42.38 -9.50
N TYR A 157 8.60 -41.73 -8.35
CA TYR A 157 9.72 -41.44 -7.45
C TYR A 157 9.39 -41.91 -6.03
N VAL A 158 10.43 -42.03 -5.20
CA VAL A 158 10.21 -42.30 -3.77
C VAL A 158 10.25 -40.95 -3.03
N LYS A 159 9.26 -40.70 -2.18
CA LYS A 159 9.25 -39.45 -1.43
C LYS A 159 10.37 -39.43 -0.41
N ASP A 160 11.28 -38.47 -0.55
CA ASP A 160 12.37 -38.32 0.42
C ASP A 160 11.93 -37.59 1.70
N GLU A 161 11.66 -38.36 2.75
CA GLU A 161 11.01 -37.81 3.94
C GLU A 161 11.28 -38.62 5.21
N LEU A 162 11.00 -38.03 6.37
CA LEU A 162 11.19 -38.75 7.63
C LEU A 162 10.21 -39.91 7.72
N ARG A 163 10.59 -40.93 8.49
CA ARG A 163 9.79 -42.13 8.59
C ARG A 163 9.99 -42.88 9.91
N SER A 164 8.95 -43.60 10.35
CA SER A 164 9.05 -44.44 11.54
C SER A 164 10.07 -45.57 11.38
N LYS A 165 10.72 -45.95 12.48
CA LYS A 165 11.69 -47.04 12.50
C LYS A 165 11.10 -48.28 11.85
N THR A 166 9.97 -48.74 12.40
CA THR A 166 9.18 -49.85 11.86
C THR A 166 9.13 -49.84 10.33
N LYS A 167 8.96 -48.65 9.76
CA LYS A 167 8.65 -48.49 8.35
C LYS A 167 9.90 -48.42 7.49
N VAL A 168 10.97 -47.90 8.07
CA VAL A 168 12.25 -47.95 7.40
C VAL A 168 12.67 -49.42 7.28
N GLU A 169 12.33 -50.21 8.30
CA GLU A 169 12.68 -51.62 8.33
C GLU A 169 11.86 -52.36 7.29
N GLN A 170 10.55 -52.17 7.34
CA GLN A 170 9.64 -52.86 6.44
C GLN A 170 9.63 -52.27 5.03
N GLY A 171 10.45 -51.24 4.81
CA GLY A 171 10.63 -50.64 3.50
C GLY A 171 9.41 -49.90 2.99
N LYS A 172 8.48 -49.60 3.89
CA LYS A 172 7.27 -48.87 3.53
C LYS A 172 7.58 -47.39 3.23
N SER A 173 8.32 -47.17 2.15
CA SER A 173 8.52 -45.83 1.64
C SER A 173 7.31 -45.42 0.79
N ARG A 174 7.13 -44.12 0.61
CA ARG A 174 5.95 -43.61 -0.07
C ARG A 174 6.25 -43.17 -1.50
N LEU A 175 5.37 -43.49 -2.45
CA LEU A 175 5.61 -43.18 -3.87
C LEU A 175 4.94 -41.92 -4.42
N ILE A 176 5.68 -41.26 -5.31
CA ILE A 176 5.26 -40.04 -5.95
C ILE A 176 5.08 -40.29 -7.44
N GLU A 177 3.96 -39.87 -8.02
CA GLU A 177 3.78 -39.99 -9.46
C GLU A 177 3.96 -38.61 -10.10
N ALA A 178 5.05 -38.40 -10.82
CA ALA A 178 5.28 -37.10 -11.46
C ALA A 178 4.40 -36.93 -12.71
N SER A 179 3.45 -36.00 -12.58
CA SER A 179 2.54 -35.67 -13.66
C SER A 179 3.26 -34.96 -14.80
N SER A 180 2.90 -35.32 -16.02
CA SER A 180 3.38 -34.59 -17.17
C SER A 180 2.85 -33.17 -17.14
N LEU A 181 3.75 -32.23 -17.46
CA LEU A 181 3.35 -30.84 -17.64
C LEU A 181 2.12 -30.71 -18.54
N ASN A 182 2.13 -31.42 -19.67
CA ASN A 182 0.97 -31.48 -20.56
C ASN A 182 -0.33 -31.91 -19.89
N ASP A 183 -0.21 -32.93 -19.05
CA ASP A 183 -1.38 -33.51 -18.44
C ASP A 183 -1.86 -32.60 -17.35
N SER A 184 -0.92 -32.01 -16.62
CA SER A 184 -1.25 -31.05 -15.58
C SER A 184 -2.04 -29.92 -16.21
N VAL A 185 -1.62 -29.56 -17.42
CA VAL A 185 -2.18 -28.39 -18.05
C VAL A 185 -3.57 -28.74 -18.61
N ALA A 186 -3.70 -29.83 -19.36
CA ALA A 186 -5.03 -30.30 -19.79
C ALA A 186 -6.04 -30.42 -18.64
N MET A 187 -5.59 -30.96 -17.50
CA MET A 187 -6.48 -31.10 -16.35
C MET A 187 -7.01 -29.74 -15.84
N ARG A 188 -6.17 -28.71 -15.93
CA ARG A 188 -6.53 -27.41 -15.39
C ARG A 188 -7.46 -26.63 -16.33
N MET A 189 -7.40 -26.95 -17.62
CA MET A 189 -8.34 -26.33 -18.56
C MET A 189 -9.72 -26.94 -18.38
N ALA A 190 -9.74 -28.25 -18.13
CA ALA A 190 -10.98 -28.99 -17.91
C ALA A 190 -11.59 -28.72 -16.56
N PHE A 191 -10.78 -28.78 -15.50
CA PHE A 191 -11.32 -28.67 -14.17
C PHE A 191 -10.85 -27.48 -13.32
N GLY A 192 -10.17 -26.52 -13.92
CA GLY A 192 -9.73 -25.34 -13.19
C GLY A 192 -10.85 -24.63 -12.45
N ASN A 193 -12.03 -24.56 -13.08
CA ASN A 193 -13.17 -23.88 -12.47
C ASN A 193 -13.77 -24.65 -11.30
N LEU A 194 -13.74 -25.98 -11.38
CA LEU A 194 -14.19 -26.80 -10.27
C LEU A 194 -13.20 -26.66 -9.08
N TYR A 195 -11.89 -26.69 -9.38
CA TYR A 195 -10.87 -26.45 -8.36
C TYR A 195 -11.11 -25.13 -7.64
N ALA A 196 -11.24 -24.07 -8.43
CA ALA A 196 -11.37 -22.73 -7.88
C ALA A 196 -12.63 -22.65 -7.03
N ALA A 197 -13.63 -23.46 -7.36
CA ALA A 197 -14.85 -23.51 -6.55
C ALA A 197 -14.57 -24.15 -5.21
N PHE A 198 -14.05 -25.38 -5.24
CA PHE A 198 -13.71 -26.08 -4.02
C PHE A 198 -12.73 -25.25 -3.18
N HIS A 199 -11.71 -24.69 -3.82
CA HIS A 199 -10.71 -23.95 -3.05
C HIS A 199 -11.35 -22.78 -2.32
N LYS A 200 -12.44 -22.31 -2.89
CA LYS A 200 -13.09 -21.19 -2.28
C LYS A 200 -14.13 -21.64 -1.27
N ASN A 201 -14.59 -22.89 -1.39
CA ASN A 201 -15.72 -23.27 -0.56
C ASN A 201 -15.56 -24.44 0.43
N PRO A 202 -14.50 -24.38 1.26
CA PRO A 202 -14.29 -25.49 2.20
C PRO A 202 -15.40 -25.53 3.25
N GLY A 203 -15.82 -26.74 3.63
CA GLY A 203 -16.82 -26.89 4.66
C GLY A 203 -17.63 -28.17 4.58
N VAL A 204 -18.95 -28.00 4.57
CA VAL A 204 -19.86 -29.15 4.63
C VAL A 204 -20.65 -29.33 3.34
N ILE A 205 -20.67 -28.26 2.53
CA ILE A 205 -21.23 -28.34 1.19
C ILE A 205 -20.29 -29.08 0.25
N THR A 206 -19.02 -28.72 0.27
CA THR A 206 -18.03 -29.42 -0.52
C THR A 206 -17.61 -30.72 0.13
N GLY A 207 -17.59 -30.72 1.48
CA GLY A 207 -16.95 -31.81 2.18
C GLY A 207 -15.43 -31.83 1.99
N SER A 208 -14.88 -30.73 1.46
CA SER A 208 -13.43 -30.53 1.41
C SER A 208 -12.95 -29.40 2.33
N ALA A 209 -11.76 -29.58 2.89
CA ALA A 209 -11.08 -28.56 3.69
C ALA A 209 -9.91 -27.92 2.92
N VAL A 210 -9.74 -28.35 1.67
CA VAL A 210 -8.77 -27.77 0.76
C VAL A 210 -9.08 -26.32 0.52
N GLY A 211 -8.17 -25.44 0.89
CA GLY A 211 -8.39 -24.02 0.69
C GLY A 211 -8.52 -23.30 2.02
N CYS A 212 -8.53 -24.06 3.11
CA CYS A 212 -8.68 -23.51 4.45
C CYS A 212 -7.36 -23.16 5.13
N ASP A 213 -7.45 -22.23 6.06
CA ASP A 213 -6.38 -21.99 7.03
C ASP A 213 -6.79 -22.51 8.39
N PRO A 214 -6.13 -23.58 8.84
CA PRO A 214 -6.41 -24.18 10.15
C PRO A 214 -6.47 -23.20 11.33
N ASP A 215 -5.74 -22.09 11.25
CA ASP A 215 -5.72 -21.19 12.39
C ASP A 215 -7.01 -20.44 12.50
N LEU A 216 -7.68 -20.27 11.36
CA LEU A 216 -8.95 -19.54 11.35
C LEU A 216 -10.14 -20.45 11.15
N PHE A 217 -9.88 -21.69 10.79
CA PHE A 217 -10.92 -22.60 10.31
C PHE A 217 -11.41 -23.48 11.41
N TRP A 218 -10.51 -23.77 12.33
CA TRP A 218 -10.84 -24.60 13.48
C TRP A 218 -11.98 -23.98 14.32
N SER A 219 -12.24 -22.70 14.12
CA SER A 219 -13.29 -22.04 14.88
C SER A 219 -14.66 -22.19 14.18
N LYS A 220 -14.63 -22.39 12.86
CA LYS A 220 -15.85 -22.56 12.07
C LYS A 220 -16.32 -24.01 12.06
N ILE A 221 -15.42 -24.94 12.34
CA ILE A 221 -15.73 -26.36 12.16
C ILE A 221 -16.82 -26.86 13.12
N PRO A 222 -16.67 -26.64 14.45
CA PRO A 222 -17.71 -27.21 15.31
C PRO A 222 -19.09 -26.60 15.09
N VAL A 223 -19.17 -25.42 14.47
CA VAL A 223 -20.44 -24.88 14.05
C VAL A 223 -21.00 -25.72 12.93
N LEU A 224 -20.19 -25.97 11.90
CA LEU A 224 -20.62 -26.76 10.74
C LEU A 224 -21.00 -28.19 11.09
N MET A 225 -20.43 -28.74 12.16
CA MET A 225 -20.68 -30.15 12.47
C MET A 225 -22.06 -30.36 13.05
N GLU A 226 -22.45 -31.64 13.14
CA GLU A 226 -23.62 -32.07 13.89
C GLU A 226 -23.16 -32.36 15.30
N GLU A 227 -23.82 -33.29 15.97
CA GLU A 227 -23.54 -33.53 17.37
C GLU A 227 -22.55 -34.69 17.54
N LYS A 228 -23.05 -35.91 17.50
CA LYS A 228 -22.20 -37.09 17.66
C LYS A 228 -21.25 -37.19 16.47
N LEU A 229 -19.95 -37.24 16.75
CA LEU A 229 -18.99 -37.30 15.67
C LEU A 229 -18.54 -38.72 15.42
N PHE A 230 -18.11 -38.97 14.19
CA PHE A 230 -17.40 -40.21 13.88
C PHE A 230 -16.24 -39.94 12.96
N ALA A 231 -15.25 -40.84 13.01
CA ALA A 231 -14.01 -40.73 12.23
C ALA A 231 -13.32 -42.07 12.17
N PHE A 232 -12.37 -42.22 11.26
CA PHE A 232 -11.55 -43.43 11.16
C PHE A 232 -10.28 -43.24 10.31
N ASP A 233 -9.41 -44.24 10.31
CA ASP A 233 -8.25 -44.20 9.44
C ASP A 233 -8.47 -45.15 8.27
N TYR A 234 -7.68 -44.93 7.21
CA TYR A 234 -7.73 -45.73 6.01
C TYR A 234 -6.37 -46.37 5.85
N THR A 235 -6.31 -47.60 5.33
CA THR A 235 -5.01 -48.17 5.04
C THR A 235 -4.87 -48.21 3.51
N GLY A 236 -3.84 -47.54 3.01
CA GLY A 236 -3.58 -47.45 1.58
C GLY A 236 -4.73 -46.89 0.76
N TYR A 237 -5.35 -45.83 1.25
CA TYR A 237 -6.53 -45.22 0.62
C TYR A 237 -6.55 -45.17 -0.90
N ASP A 238 -5.54 -44.53 -1.47
CA ASP A 238 -5.66 -44.13 -2.85
C ASP A 238 -5.46 -45.36 -3.75
N ALA A 239 -4.50 -46.20 -3.38
CA ALA A 239 -4.22 -47.41 -4.13
C ALA A 239 -5.35 -48.39 -3.95
N SER A 240 -5.89 -48.44 -2.73
CA SER A 240 -7.02 -49.32 -2.46
C SER A 240 -8.24 -49.04 -3.34
N LEU A 241 -8.45 -47.78 -3.74
CA LEU A 241 -9.58 -47.43 -4.61
C LEU A 241 -9.63 -48.28 -5.88
N SER A 242 -10.83 -48.43 -6.42
CA SER A 242 -11.03 -49.37 -7.52
C SER A 242 -11.98 -48.76 -8.55
N PRO A 243 -11.90 -49.23 -9.81
CA PRO A 243 -12.67 -48.72 -10.94
C PRO A 243 -14.09 -48.21 -10.66
N ALA A 244 -14.92 -48.97 -9.95
CA ALA A 244 -16.29 -48.52 -9.66
C ALA A 244 -16.31 -47.13 -9.03
N TRP A 245 -15.31 -46.85 -8.21
CA TRP A 245 -15.22 -45.56 -7.53
C TRP A 245 -14.99 -44.41 -8.54
N PHE A 246 -14.06 -44.66 -9.47
CA PHE A 246 -13.78 -43.69 -10.52
C PHE A 246 -15.02 -43.56 -11.39
N GLU A 247 -15.77 -44.65 -11.55
CA GLU A 247 -17.00 -44.57 -12.31
C GLU A 247 -18.02 -43.69 -11.60
N ALA A 248 -18.13 -43.84 -10.28
CA ALA A 248 -19.11 -43.05 -9.54
C ALA A 248 -18.74 -41.57 -9.57
N LEU A 249 -17.45 -41.27 -9.46
CA LEU A 249 -16.99 -39.90 -9.55
C LEU A 249 -17.36 -39.25 -10.89
N LYS A 250 -17.15 -39.98 -11.98
CA LYS A 250 -17.57 -39.51 -13.30
C LYS A 250 -19.05 -39.15 -13.30
N MET A 251 -19.86 -39.93 -12.59
CA MET A 251 -21.30 -39.72 -12.60
C MET A 251 -21.62 -38.38 -11.93
N VAL A 252 -21.04 -38.12 -10.76
CA VAL A 252 -21.10 -36.79 -10.16
C VAL A 252 -20.67 -35.71 -11.14
N LEU A 253 -19.50 -35.89 -11.75
CA LEU A 253 -19.02 -34.90 -12.70
C LEU A 253 -19.98 -34.68 -13.90
N GLU A 254 -20.57 -35.76 -14.43
CA GLU A 254 -21.58 -35.67 -15.50
C GLU A 254 -22.77 -34.82 -15.01
N LYS A 255 -23.13 -35.04 -13.75
CA LYS A 255 -24.32 -34.42 -13.17
C LYS A 255 -24.17 -32.93 -12.96
N ILE A 256 -22.95 -32.44 -12.73
CA ILE A 256 -22.82 -31.03 -12.42
C ILE A 256 -22.36 -30.15 -13.59
N GLY A 257 -22.22 -30.73 -14.78
CA GLY A 257 -21.89 -29.94 -15.96
C GLY A 257 -20.56 -30.20 -16.66
N PHE A 258 -19.73 -31.10 -16.11
CA PHE A 258 -18.43 -31.43 -16.68
C PHE A 258 -18.47 -32.76 -17.45
N GLY A 259 -19.53 -32.99 -18.20
CA GLY A 259 -19.76 -34.28 -18.81
C GLY A 259 -18.86 -34.53 -20.01
N ASP A 260 -18.71 -33.51 -20.84
CA ASP A 260 -17.87 -33.62 -22.02
C ASP A 260 -16.42 -33.95 -21.70
N ARG A 261 -16.04 -33.95 -20.43
CA ARG A 261 -14.67 -34.26 -20.09
C ARG A 261 -14.49 -35.24 -18.93
N VAL A 262 -15.21 -36.35 -18.96
CA VAL A 262 -15.02 -37.36 -17.93
C VAL A 262 -13.98 -38.38 -18.36
N ASP A 263 -13.70 -38.48 -19.65
CA ASP A 263 -12.67 -39.41 -20.10
C ASP A 263 -11.34 -39.13 -19.39
N TYR A 264 -11.15 -37.89 -18.95
CA TYR A 264 -9.93 -37.50 -18.25
C TYR A 264 -9.80 -38.33 -16.98
N ILE A 265 -10.94 -38.73 -16.46
CA ILE A 265 -11.04 -39.50 -15.23
C ILE A 265 -10.57 -40.92 -15.51
N ASP A 266 -10.90 -41.44 -16.70
CA ASP A 266 -10.32 -42.71 -17.13
C ASP A 266 -8.79 -42.72 -17.07
N TYR A 267 -8.17 -41.57 -17.33
CA TYR A 267 -6.71 -41.48 -17.42
C TYR A 267 -6.05 -41.52 -16.04
N LEU A 268 -6.84 -41.47 -14.98
CA LEU A 268 -6.29 -41.60 -13.63
C LEU A 268 -6.54 -43.04 -13.16
N ASN A 269 -7.65 -43.59 -13.64
CA ASN A 269 -7.97 -44.99 -13.42
C ASN A 269 -6.88 -45.88 -14.05
N HIS A 270 -6.79 -45.87 -15.38
CA HIS A 270 -5.83 -46.65 -16.15
C HIS A 270 -4.57 -45.82 -16.42
N SER A 271 -3.48 -46.14 -15.75
CA SER A 271 -2.29 -45.32 -15.88
C SER A 271 -1.01 -46.14 -16.13
N HIS A 272 -0.07 -45.54 -16.86
CA HIS A 272 1.21 -46.20 -17.09
C HIS A 272 2.36 -45.44 -16.42
N HIS A 273 3.33 -46.17 -15.84
CA HIS A 273 4.31 -45.50 -14.99
C HIS A 273 5.77 -45.85 -15.29
N LEU A 274 6.63 -44.84 -15.24
CA LEU A 274 8.06 -45.07 -15.30
C LEU A 274 8.64 -45.07 -13.90
N TYR A 275 9.20 -46.23 -13.53
CA TYR A 275 9.90 -46.30 -12.26
C TYR A 275 11.31 -46.86 -12.46
N LYS A 276 12.29 -45.98 -12.39
CA LYS A 276 13.69 -46.33 -12.59
C LYS A 276 13.86 -47.01 -13.93
N ASN A 277 14.04 -48.32 -13.93
CA ASN A 277 14.37 -49.07 -15.15
C ASN A 277 13.22 -49.97 -15.53
N LYS A 278 12.07 -49.69 -14.96
CA LYS A 278 10.89 -50.51 -15.24
C LYS A 278 9.71 -49.64 -15.73
N THR A 279 8.66 -50.31 -16.18
CA THR A 279 7.48 -49.67 -16.77
C THR A 279 6.27 -50.53 -16.44
N TYR A 280 5.28 -49.94 -15.78
CA TYR A 280 4.10 -50.73 -15.38
C TYR A 280 2.73 -50.06 -15.65
N CYS A 281 1.70 -50.91 -15.79
CA CYS A 281 0.31 -50.49 -16.02
C CYS A 281 -0.52 -50.69 -14.77
N VAL A 282 -1.29 -49.70 -14.37
CA VAL A 282 -2.06 -49.86 -13.16
C VAL A 282 -3.49 -49.53 -13.49
N LYS A 283 -4.39 -50.38 -13.01
CA LYS A 283 -5.81 -50.21 -13.25
C LYS A 283 -6.47 -50.13 -11.89
N GLY A 284 -7.26 -49.08 -11.66
CA GLY A 284 -7.69 -48.73 -10.32
C GLY A 284 -6.57 -47.98 -9.64
N GLY A 285 -6.87 -47.30 -8.53
CA GLY A 285 -5.87 -46.52 -7.82
C GLY A 285 -5.72 -45.08 -8.31
N MET A 286 -5.97 -44.14 -7.41
CA MET A 286 -5.63 -42.75 -7.65
C MET A 286 -4.13 -42.54 -7.69
N PRO A 287 -3.60 -41.95 -8.76
CA PRO A 287 -2.15 -41.70 -8.76
C PRO A 287 -1.78 -40.50 -7.89
N SER A 288 -0.64 -40.58 -7.22
CA SER A 288 -0.24 -39.58 -6.22
C SER A 288 -0.15 -38.15 -6.73
N GLY A 289 0.43 -37.96 -7.90
CA GLY A 289 0.84 -36.62 -8.29
C GLY A 289 0.10 -35.97 -9.43
N CYS A 290 -1.03 -36.54 -9.82
CA CYS A 290 -1.86 -35.94 -10.87
C CYS A 290 -2.43 -34.58 -10.45
N SER A 291 -2.83 -33.79 -11.44
CA SER A 291 -3.60 -32.60 -11.13
C SER A 291 -4.96 -33.02 -10.59
N GLY A 292 -5.39 -32.36 -9.52
CA GLY A 292 -6.73 -32.61 -9.01
C GLY A 292 -6.84 -33.64 -7.91
N THR A 293 -5.85 -34.53 -7.82
CA THR A 293 -5.84 -35.60 -6.83
C THR A 293 -6.30 -35.21 -5.43
N SER A 294 -5.90 -34.04 -4.93
CA SER A 294 -6.45 -33.56 -3.65
C SER A 294 -7.98 -33.34 -3.75
N ILE A 295 -8.46 -32.53 -4.70
CA ILE A 295 -9.90 -32.39 -4.88
C ILE A 295 -10.63 -33.73 -5.10
N PHE A 296 -10.11 -34.56 -6.02
CA PHE A 296 -10.80 -35.80 -6.39
C PHE A 296 -10.80 -36.88 -5.29
N ASN A 297 -9.73 -36.98 -4.52
CA ASN A 297 -9.75 -37.97 -3.46
C ASN A 297 -10.73 -37.58 -2.36
N SER A 298 -10.94 -36.28 -2.17
CA SER A 298 -11.92 -35.82 -1.16
C SER A 298 -13.36 -36.12 -1.62
N MET A 299 -13.63 -35.82 -2.89
CA MET A 299 -14.92 -36.10 -3.48
C MET A 299 -15.23 -37.58 -3.33
N ILE A 300 -14.24 -38.42 -3.61
CA ILE A 300 -14.49 -39.86 -3.55
C ILE A 300 -14.72 -40.25 -2.10
N ASN A 301 -14.17 -39.48 -1.17
CA ASN A 301 -14.36 -39.79 0.24
C ASN A 301 -15.78 -39.43 0.64
N ASN A 302 -16.22 -38.26 0.19
CA ASN A 302 -17.59 -37.86 0.38
C ASN A 302 -18.61 -38.82 -0.24
N LEU A 303 -18.12 -39.71 -1.10
CA LEU A 303 -18.96 -40.72 -1.71
C LEU A 303 -18.91 -42.04 -0.90
N ILE A 304 -17.72 -42.40 -0.42
CA ILE A 304 -17.54 -43.61 0.35
C ILE A 304 -18.34 -43.62 1.66
N ILE A 305 -18.16 -42.57 2.46
CA ILE A 305 -18.92 -42.41 3.70
C ILE A 305 -20.41 -42.48 3.39
N ARG A 306 -20.90 -41.60 2.52
CA ARG A 306 -22.33 -41.59 2.21
C ARG A 306 -22.83 -42.97 1.81
N THR A 307 -21.98 -43.72 1.12
CA THR A 307 -22.41 -45.03 0.65
C THR A 307 -22.49 -45.96 1.84
N LEU A 308 -21.34 -46.22 2.47
CA LEU A 308 -21.27 -47.06 3.66
C LEU A 308 -22.37 -46.70 4.69
N LEU A 309 -22.66 -45.41 4.87
CA LEU A 309 -23.84 -45.01 5.64
C LEU A 309 -25.08 -45.74 5.14
N LEU A 310 -25.43 -45.48 3.88
CA LEU A 310 -26.67 -45.96 3.28
C LEU A 310 -26.78 -47.49 3.38
N LYS A 311 -25.65 -48.16 3.30
CA LYS A 311 -25.65 -49.61 3.42
C LYS A 311 -25.87 -50.03 4.86
N THR A 312 -25.25 -49.30 5.80
CA THR A 312 -25.17 -49.75 7.18
C THR A 312 -26.30 -49.21 8.05
N TYR A 313 -26.96 -48.14 7.60
CA TYR A 313 -28.06 -47.56 8.37
C TYR A 313 -29.25 -47.26 7.45
N LYS A 314 -30.10 -48.27 7.27
CA LYS A 314 -31.20 -48.20 6.31
C LYS A 314 -32.08 -46.96 6.46
N GLY A 315 -32.35 -46.28 5.34
CA GLY A 315 -33.22 -45.12 5.35
C GLY A 315 -32.55 -43.86 5.89
N ILE A 316 -31.27 -43.97 6.26
CA ILE A 316 -30.51 -42.83 6.80
C ILE A 316 -30.60 -41.60 5.90
N ASP A 317 -30.96 -40.46 6.50
CA ASP A 317 -31.09 -39.21 5.77
C ASP A 317 -29.75 -38.49 5.70
N LEU A 318 -29.05 -38.60 4.58
CA LEU A 318 -27.75 -37.97 4.42
C LEU A 318 -27.88 -36.45 4.32
N ASP A 319 -29.12 -35.96 4.22
CA ASP A 319 -29.40 -34.53 4.19
C ASP A 319 -28.96 -33.86 5.50
N HIS A 320 -28.58 -34.69 6.49
CA HIS A 320 -28.25 -34.19 7.82
C HIS A 320 -26.86 -34.61 8.26
N LEU A 321 -26.15 -35.31 7.40
CA LEU A 321 -24.75 -35.65 7.65
C LEU A 321 -23.86 -34.48 7.35
N LYS A 322 -22.94 -34.18 8.27
CA LYS A 322 -22.01 -33.10 8.05
C LYS A 322 -20.56 -33.61 8.07
N MET A 323 -19.88 -33.47 6.95
CA MET A 323 -18.52 -33.95 6.92
C MET A 323 -17.56 -33.06 6.12
N ILE A 324 -16.29 -33.11 6.53
CA ILE A 324 -15.22 -32.46 5.80
C ILE A 324 -14.03 -33.40 5.62
N ALA A 325 -13.61 -33.55 4.37
CA ALA A 325 -12.47 -34.40 4.06
C ALA A 325 -11.36 -33.57 3.47
N TYR A 326 -10.13 -33.99 3.71
CA TYR A 326 -8.96 -33.52 2.97
C TYR A 326 -8.25 -34.77 2.45
N GLY A 327 -8.60 -35.18 1.23
CA GLY A 327 -8.20 -36.48 0.74
C GLY A 327 -8.75 -37.55 1.66
N ASP A 328 -7.89 -38.45 2.13
CA ASP A 328 -8.36 -39.54 3.00
C ASP A 328 -8.64 -39.08 4.43
N ASP A 329 -8.12 -37.92 4.82
CA ASP A 329 -8.40 -37.46 6.19
C ASP A 329 -9.85 -37.01 6.21
N VAL A 330 -10.51 -37.22 7.34
CA VAL A 330 -11.92 -36.88 7.46
C VAL A 330 -12.35 -36.64 8.90
N ILE A 331 -13.25 -35.67 9.09
CA ILE A 331 -13.90 -35.47 10.37
C ILE A 331 -15.40 -35.44 10.07
N ALA A 332 -16.15 -36.40 10.62
CA ALA A 332 -17.57 -36.53 10.24
C ALA A 332 -18.55 -36.52 11.41
N SER A 333 -19.72 -35.94 11.18
CA SER A 333 -20.76 -35.87 12.21
C SER A 333 -22.15 -36.32 11.74
N TYR A 334 -22.86 -37.05 12.61
CA TYR A 334 -24.30 -37.26 12.46
C TYR A 334 -25.03 -36.91 13.77
N PRO A 335 -26.30 -36.42 13.69
CA PRO A 335 -27.05 -36.11 14.92
C PRO A 335 -27.15 -37.30 15.87
N HIS A 336 -27.21 -38.50 15.34
CA HIS A 336 -27.26 -39.69 16.19
C HIS A 336 -25.94 -40.39 16.06
N GLU A 337 -25.61 -41.26 17.01
CA GLU A 337 -24.29 -41.88 17.03
C GLU A 337 -24.16 -42.84 15.84
N VAL A 338 -22.97 -42.91 15.27
CA VAL A 338 -22.71 -43.92 14.26
C VAL A 338 -21.46 -44.70 14.60
N ASP A 339 -21.46 -45.99 14.28
CA ASP A 339 -20.46 -46.90 14.78
C ASP A 339 -19.42 -47.22 13.71
N ALA A 340 -18.22 -46.65 13.86
CA ALA A 340 -17.18 -46.80 12.85
C ALA A 340 -16.77 -48.23 12.64
N SER A 341 -16.94 -49.07 13.65
CA SER A 341 -16.57 -50.47 13.55
C SER A 341 -17.51 -51.19 12.59
N LEU A 342 -18.72 -50.66 12.43
CA LEU A 342 -19.62 -51.24 11.45
C LEU A 342 -19.20 -50.85 10.05
N LEU A 343 -19.16 -49.54 9.77
CA LEU A 343 -18.79 -49.02 8.45
C LEU A 343 -17.51 -49.66 7.93
N ALA A 344 -16.55 -49.81 8.84
CA ALA A 344 -15.28 -50.44 8.54
C ALA A 344 -15.47 -51.87 8.09
N GLN A 345 -16.59 -52.48 8.49
CA GLN A 345 -16.88 -53.84 8.04
C GLN A 345 -17.45 -53.83 6.63
N SER A 346 -18.41 -52.93 6.39
CA SER A 346 -18.97 -52.78 5.07
C SER A 346 -17.87 -52.42 4.07
N GLY A 347 -17.02 -51.48 4.51
CA GLY A 347 -15.84 -51.04 3.76
C GLY A 347 -15.17 -52.11 2.96
N LYS A 348 -15.02 -53.29 3.57
CA LYS A 348 -14.35 -54.42 2.94
C LYS A 348 -14.98 -54.79 1.58
N ASP A 349 -16.30 -54.75 1.52
CA ASP A 349 -17.00 -55.14 0.31
C ASP A 349 -16.76 -54.17 -0.82
N TYR A 350 -16.20 -53.01 -0.46
CA TYR A 350 -15.91 -51.99 -1.45
C TYR A 350 -14.42 -51.81 -1.62
N GLY A 351 -13.66 -52.80 -1.14
CA GLY A 351 -12.23 -52.82 -1.29
C GLY A 351 -11.48 -51.87 -0.39
N LEU A 352 -12.19 -51.25 0.54
CA LEU A 352 -11.54 -50.32 1.45
C LEU A 352 -11.15 -50.99 2.78
N THR A 353 -10.00 -50.62 3.29
CA THR A 353 -9.54 -51.13 4.58
C THR A 353 -9.54 -50.03 5.64
N MET A 354 -10.53 -50.06 6.52
CA MET A 354 -10.71 -49.02 7.54
C MET A 354 -10.33 -49.49 8.94
N THR A 355 -9.46 -48.72 9.59
CA THR A 355 -9.01 -49.05 10.94
C THR A 355 -9.45 -47.92 11.86
N PRO A 356 -9.37 -48.12 13.19
CA PRO A 356 -9.81 -47.04 14.08
C PRO A 356 -8.94 -45.76 13.96
N ALA A 357 -9.53 -44.60 14.21
CA ALA A 357 -8.84 -43.34 13.94
C ALA A 357 -7.63 -43.13 14.85
N ASP A 358 -6.65 -42.38 14.33
CA ASP A 358 -5.41 -42.06 15.03
C ASP A 358 -4.64 -43.23 15.59
N LYS A 359 -4.65 -44.36 14.90
CA LYS A 359 -3.85 -45.51 15.31
C LYS A 359 -4.30 -46.09 16.66
N SER A 360 -5.39 -45.57 17.23
CA SER A 360 -5.90 -46.10 18.49
C SER A 360 -6.41 -47.52 18.26
N ALA A 361 -5.80 -48.50 18.90
CA ALA A 361 -5.97 -49.91 18.52
C ALA A 361 -7.33 -50.57 18.82
N THR A 362 -8.37 -49.78 19.01
CA THR A 362 -9.73 -50.32 19.05
C THR A 362 -10.76 -49.23 18.85
N PHE A 363 -11.86 -49.59 18.21
CA PHE A 363 -12.89 -48.63 17.85
C PHE A 363 -13.61 -48.11 19.09
N GLU A 364 -13.32 -46.87 19.45
CA GLU A 364 -14.06 -46.18 20.50
C GLU A 364 -14.51 -44.79 20.12
N THR A 365 -15.14 -44.10 21.07
CA THR A 365 -15.96 -42.93 20.77
C THR A 365 -15.17 -41.65 20.46
N VAL A 366 -15.38 -41.08 19.28
CA VAL A 366 -14.69 -39.84 18.95
C VAL A 366 -15.36 -38.71 19.71
N THR A 367 -14.55 -37.78 20.20
CA THR A 367 -15.02 -36.62 20.93
C THR A 367 -13.99 -35.52 20.82
N TRP A 368 -14.47 -34.30 20.64
CA TRP A 368 -13.66 -33.09 20.59
C TRP A 368 -12.34 -33.09 21.39
N GLU A 369 -12.24 -33.98 22.37
CA GLU A 369 -11.06 -34.03 23.21
C GLU A 369 -9.97 -34.86 22.52
N ASN A 370 -10.35 -35.93 21.82
CA ASN A 370 -9.36 -36.81 21.22
C ASN A 370 -9.37 -36.83 19.67
N VAL A 371 -10.26 -36.04 19.07
CA VAL A 371 -10.41 -36.03 17.61
C VAL A 371 -9.29 -35.22 16.93
N THR A 372 -8.95 -35.63 15.69
CA THR A 372 -7.88 -35.04 14.91
C THR A 372 -8.28 -34.75 13.48
N PHE A 373 -7.78 -33.63 12.96
CA PHE A 373 -7.88 -33.33 11.54
C PHE A 373 -6.58 -32.72 11.08
N LEU A 374 -6.04 -33.19 9.95
CA LEU A 374 -4.74 -32.70 9.49
C LEU A 374 -3.70 -32.67 10.60
N LYS A 375 -3.58 -33.78 11.34
CA LYS A 375 -2.69 -33.92 12.50
C LYS A 375 -2.87 -32.88 13.61
N ARG A 376 -4.02 -32.24 13.70
CA ARG A 376 -4.25 -31.28 14.77
C ARG A 376 -5.43 -31.64 15.65
N PHE A 377 -5.26 -31.43 16.96
CA PHE A 377 -6.36 -31.52 17.90
C PHE A 377 -7.17 -30.22 17.90
N PHE A 378 -8.31 -30.26 18.58
CA PHE A 378 -9.12 -29.08 18.79
C PHE A 378 -9.04 -28.72 20.28
N ARG A 379 -8.77 -27.44 20.61
CA ARG A 379 -8.65 -26.98 22.00
C ARG A 379 -9.03 -25.52 22.05
N ALA A 380 -10.01 -25.20 22.88
CA ALA A 380 -10.59 -23.86 22.93
C ALA A 380 -9.68 -22.95 23.72
N ASP A 381 -9.60 -21.68 23.33
CA ASP A 381 -8.84 -20.70 24.07
C ASP A 381 -9.38 -20.53 25.49
N GLU A 382 -8.51 -20.58 26.50
CA GLU A 382 -8.91 -20.40 27.90
C GLU A 382 -9.63 -19.08 28.17
N LYS A 383 -9.31 -18.03 27.41
CA LYS A 383 -9.95 -16.73 27.61
C LYS A 383 -11.23 -16.61 26.81
N TYR A 384 -11.13 -16.89 25.51
CA TYR A 384 -12.27 -16.87 24.61
C TYR A 384 -12.51 -18.29 24.12
N PRO A 385 -13.35 -19.06 24.84
CA PRO A 385 -13.48 -20.49 24.51
C PRO A 385 -14.23 -20.80 23.22
N PHE A 386 -14.66 -19.80 22.46
CA PHE A 386 -15.25 -20.06 21.14
C PHE A 386 -14.24 -20.04 20.03
N LEU A 387 -13.08 -19.45 20.29
CA LEU A 387 -11.94 -19.50 19.39
C LEU A 387 -11.22 -20.81 19.66
N ILE A 388 -11.08 -21.64 18.63
CA ILE A 388 -10.51 -22.97 18.81
C ILE A 388 -9.10 -22.97 18.29
N HIS A 389 -8.15 -23.40 19.13
CA HIS A 389 -6.76 -23.66 18.70
C HIS A 389 -6.69 -24.92 17.84
N PRO A 390 -5.95 -24.85 16.73
CA PRO A 390 -5.55 -26.10 16.08
C PRO A 390 -4.36 -26.61 16.86
N VAL A 391 -4.38 -27.80 17.44
CA VAL A 391 -3.20 -28.15 18.23
C VAL A 391 -2.50 -29.40 17.73
N MET A 392 -1.30 -29.17 17.19
CA MET A 392 -0.38 -30.22 16.79
C MET A 392 0.52 -30.53 17.94
N PRO A 393 0.67 -31.83 18.26
CA PRO A 393 1.49 -32.25 19.39
C PRO A 393 2.97 -31.98 19.16
N MET A 394 3.64 -31.47 20.19
CA MET A 394 5.07 -31.18 20.16
C MET A 394 5.86 -32.30 19.54
N LYS A 395 5.50 -33.53 19.90
CA LYS A 395 6.17 -34.74 19.40
C LYS A 395 6.46 -34.65 17.92
N GLU A 396 5.46 -34.23 17.14
CA GLU A 396 5.64 -34.16 15.70
C GLU A 396 6.61 -33.04 15.32
N ILE A 397 6.53 -31.94 16.08
CA ILE A 397 7.35 -30.78 15.81
C ILE A 397 8.79 -31.11 16.14
N HIS A 398 8.96 -31.90 17.20
CA HIS A 398 10.26 -32.38 17.65
C HIS A 398 11.00 -33.16 16.57
N GLU A 399 10.32 -34.10 15.93
CA GLU A 399 10.92 -34.90 14.88
C GLU A 399 11.45 -34.02 13.73
N SER A 400 10.69 -32.97 13.40
CA SER A 400 10.95 -32.12 12.23
C SER A 400 12.21 -31.24 12.36
N ILE A 401 12.39 -30.65 13.53
CA ILE A 401 13.49 -29.73 13.78
C ILE A 401 14.84 -30.45 13.98
N ARG A 402 14.78 -31.78 14.12
CA ARG A 402 15.99 -32.60 14.31
C ARG A 402 16.78 -32.81 13.02
N TRP A 403 16.09 -32.73 11.87
CA TRP A 403 16.67 -32.91 10.54
C TRP A 403 16.52 -31.66 9.68
N THR A 404 17.33 -31.57 8.63
CA THR A 404 17.22 -30.49 7.65
C THR A 404 17.73 -30.92 6.26
N LYS A 405 17.22 -30.29 5.21
CA LYS A 405 17.67 -30.58 3.86
C LYS A 405 18.66 -29.50 3.41
N ASP A 406 18.73 -28.43 4.18
CA ASP A 406 19.66 -27.36 3.90
C ASP A 406 19.72 -26.38 5.08
N PRO A 407 20.87 -26.36 5.80
CA PRO A 407 21.06 -25.53 6.99
C PRO A 407 20.79 -24.05 6.77
N ARG A 408 20.88 -23.55 5.54
CA ARG A 408 20.64 -22.13 5.37
C ARG A 408 19.12 -21.85 5.37
N ASN A 409 18.31 -22.87 5.71
CA ASN A 409 16.89 -22.68 5.85
C ASN A 409 16.49 -22.51 7.31
N THR A 410 17.45 -22.74 8.19
CA THR A 410 17.20 -22.99 9.61
C THR A 410 16.32 -21.97 10.31
N GLN A 411 16.51 -20.70 10.00
CA GLN A 411 15.69 -19.65 10.59
C GLN A 411 14.24 -19.90 10.21
N ASP A 412 13.96 -19.90 8.90
CA ASP A 412 12.61 -20.15 8.42
C ASP A 412 12.03 -21.46 8.96
N HIS A 413 12.69 -22.59 8.74
CA HIS A 413 12.26 -23.87 9.31
C HIS A 413 11.77 -23.76 10.76
N VAL A 414 12.61 -23.21 11.62
CA VAL A 414 12.31 -23.15 13.04
C VAL A 414 11.18 -22.16 13.27
N ARG A 415 11.22 -21.02 12.59
CA ARG A 415 10.16 -20.02 12.67
C ARG A 415 8.77 -20.63 12.38
N SER A 416 8.61 -21.19 11.18
CA SER A 416 7.51 -22.08 10.84
C SER A 416 7.05 -22.98 11.99
N LEU A 417 7.97 -23.79 12.53
CA LEU A 417 7.59 -24.69 13.61
C LEU A 417 7.03 -23.97 14.84
N CYS A 418 7.56 -22.79 15.16
CA CYS A 418 7.04 -22.04 16.28
C CYS A 418 5.59 -21.68 16.02
N LEU A 419 5.33 -21.19 14.80
CA LEU A 419 3.99 -20.78 14.38
C LEU A 419 2.93 -21.87 14.64
N LEU A 420 3.40 -23.11 14.78
CA LEU A 420 2.56 -24.27 14.98
C LEU A 420 2.46 -24.63 16.45
N ALA A 421 3.63 -24.61 17.09
CA ALA A 421 3.80 -25.12 18.44
C ALA A 421 3.07 -24.32 19.50
N TRP A 422 2.90 -23.03 19.25
CA TRP A 422 2.52 -22.15 20.34
C TRP A 422 1.10 -22.40 20.77
N HIS A 423 0.31 -23.04 19.89
CA HIS A 423 -1.05 -23.47 20.24
C HIS A 423 -1.11 -24.46 21.39
N ASN A 424 0.02 -25.10 21.66
CA ASN A 424 0.13 -25.94 22.83
C ASN A 424 0.15 -25.12 24.14
N GLY A 425 0.22 -23.80 24.03
CA GLY A 425 0.12 -22.94 25.20
C GLY A 425 1.44 -22.43 25.73
N GLU A 426 1.38 -21.35 26.50
CA GLU A 426 2.59 -20.61 26.89
C GLU A 426 3.62 -21.45 27.64
N GLU A 427 3.15 -22.37 28.47
CA GLU A 427 4.08 -23.17 29.27
C GLU A 427 4.94 -24.03 28.37
N GLU A 428 4.31 -24.72 27.43
CA GLU A 428 5.06 -25.59 26.54
C GLU A 428 5.91 -24.82 25.52
N TYR A 429 5.47 -23.61 25.18
CA TYR A 429 6.08 -22.87 24.10
C TYR A 429 7.32 -22.12 24.56
N ASN A 430 7.28 -21.62 25.78
CA ASN A 430 8.46 -20.97 26.36
C ASN A 430 9.57 -22.01 26.61
N LYS A 431 9.17 -23.24 26.88
CA LYS A 431 10.09 -24.34 27.09
C LYS A 431 10.68 -24.85 25.78
N PHE A 432 9.84 -24.84 24.75
CA PHE A 432 10.29 -25.10 23.39
C PHE A 432 11.38 -24.08 23.07
N LEU A 433 11.06 -22.81 23.20
CA LEU A 433 12.04 -21.76 22.96
C LEU A 433 13.28 -21.92 23.86
N ALA A 434 13.15 -22.49 25.05
CA ALA A 434 14.34 -22.67 25.89
C ALA A 434 15.24 -23.74 25.27
N LYS A 435 14.67 -24.90 24.95
CA LYS A 435 15.46 -25.97 24.35
C LYS A 435 16.16 -25.49 23.09
N ILE A 436 15.44 -24.78 22.22
CA ILE A 436 16.05 -24.23 21.00
C ILE A 436 17.29 -23.43 21.32
N ARG A 437 17.12 -22.48 22.23
CA ARG A 437 18.17 -21.56 22.58
C ARG A 437 19.31 -22.16 23.39
N SER A 438 19.17 -23.39 23.83
CA SER A 438 20.28 -24.04 24.51
C SER A 438 21.47 -24.35 23.57
N VAL A 439 21.33 -24.07 22.28
CA VAL A 439 22.48 -24.19 21.37
C VAL A 439 22.74 -22.88 20.62
N PRO A 440 24.02 -22.55 20.41
CA PRO A 440 24.44 -21.24 19.89
C PRO A 440 23.66 -20.75 18.67
N ILE A 441 23.11 -21.68 17.88
CA ILE A 441 22.32 -21.31 16.71
C ILE A 441 20.99 -20.80 17.20
N GLY A 442 20.29 -21.60 18.01
CA GLY A 442 19.07 -21.19 18.69
C GLY A 442 18.99 -19.72 19.07
N ARG A 443 20.05 -19.22 19.71
CA ARG A 443 20.09 -17.84 20.16
C ARG A 443 20.35 -16.89 19.02
N ALA A 444 20.77 -17.41 17.88
CA ALA A 444 21.04 -16.52 16.75
C ALA A 444 19.74 -16.13 16.05
N LEU A 445 18.72 -16.97 16.21
CA LEU A 445 17.47 -16.83 15.48
C LEU A 445 16.54 -15.73 16.01
N ASP A 446 15.70 -15.21 15.13
CA ASP A 446 14.62 -14.33 15.55
C ASP A 446 13.33 -15.13 15.72
N LEU A 447 12.99 -15.48 16.95
CA LEU A 447 11.77 -16.23 17.26
C LEU A 447 10.74 -15.36 17.95
N PRO A 448 9.45 -15.53 17.63
CA PRO A 448 8.38 -14.71 18.22
C PRO A 448 8.01 -15.14 19.65
N GLU A 449 7.63 -14.17 20.48
CA GLU A 449 7.20 -14.50 21.84
C GLU A 449 5.73 -14.90 21.88
N TYR A 450 5.38 -15.71 22.89
CA TYR A 450 4.02 -16.22 23.02
C TYR A 450 2.99 -15.12 22.99
N SER A 451 3.31 -14.00 23.66
CA SER A 451 2.48 -12.80 23.67
C SER A 451 2.15 -12.35 22.25
N THR A 452 3.14 -12.41 21.38
CA THR A 452 3.04 -11.82 20.06
C THR A 452 2.17 -12.64 19.14
N LEU A 453 2.31 -13.96 19.29
CA LEU A 453 1.54 -14.90 18.50
C LEU A 453 0.04 -14.83 18.87
N TYR A 454 -0.26 -14.96 20.16
CA TYR A 454 -1.62 -14.84 20.65
C TYR A 454 -2.27 -13.54 20.19
N ARG A 455 -1.55 -12.45 20.37
CA ARG A 455 -2.06 -11.14 20.04
C ARG A 455 -2.33 -11.06 18.55
N ARG A 456 -1.57 -11.81 17.78
CA ARG A 456 -1.66 -11.72 16.33
C ARG A 456 -2.75 -12.68 15.82
N TRP A 457 -2.83 -13.85 16.45
CA TRP A 457 -3.88 -14.82 16.24
C TRP A 457 -5.28 -14.22 16.46
N LEU A 458 -5.51 -13.57 17.61
CA LEU A 458 -6.77 -12.86 17.85
C LEU A 458 -7.01 -11.79 16.78
N ASP A 459 -6.04 -10.90 16.60
CA ASP A 459 -6.19 -9.80 15.64
C ASP A 459 -6.52 -10.31 14.21
N SER A 460 -5.99 -11.48 13.84
CA SER A 460 -6.26 -12.04 12.52
C SER A 460 -7.75 -12.33 12.28
N PHE A 461 -8.52 -12.38 13.37
CA PHE A 461 -9.93 -12.71 13.27
C PHE A 461 -10.85 -11.58 12.81
N GLY A 462 -10.32 -10.39 12.49
CA GLY A 462 -11.16 -9.34 11.95
C GLY A 462 -10.50 -8.03 11.56
N GLY E 1 2.15 51.43 6.50
CA GLY E 1 3.21 50.92 7.37
C GLY E 1 4.34 51.91 7.50
N GLU E 2 4.88 52.05 8.72
CA GLU E 2 5.85 53.11 9.01
C GLU E 2 6.65 52.86 10.28
N ILE E 3 7.96 53.08 10.21
CA ILE E 3 8.79 52.93 11.39
C ILE E 3 8.52 54.07 12.38
N GLN E 4 8.50 53.75 13.67
CA GLN E 4 8.23 54.72 14.72
C GLN E 4 9.53 55.18 15.33
N TRP E 5 10.45 54.24 15.52
CA TRP E 5 11.81 54.55 15.94
C TRP E 5 12.79 53.45 15.55
N MET E 6 14.07 53.81 15.53
CA MET E 6 15.15 52.88 15.23
C MET E 6 16.40 53.30 16.02
N ARG E 7 17.09 52.32 16.57
CA ARG E 7 18.21 52.61 17.46
C ARG E 7 19.03 51.34 17.64
N PRO E 8 20.30 51.50 18.02
CA PRO E 8 21.23 50.35 18.01
C PRO E 8 21.01 49.36 19.14
N SER E 9 20.51 48.18 18.79
CA SER E 9 20.31 47.03 19.68
C SER E 9 20.90 47.09 21.09
N LYS E 10 22.20 47.37 21.17
CA LYS E 10 22.97 47.39 22.43
C LYS E 10 22.56 48.55 23.33
N GLU E 11 21.96 49.59 22.75
CA GLU E 11 21.33 50.66 23.53
C GLU E 11 20.23 50.13 24.47
N VAL E 12 19.50 49.12 24.04
CA VAL E 12 18.42 48.61 24.86
C VAL E 12 18.65 47.17 25.31
N GLY E 13 19.85 46.65 25.10
CA GLY E 13 20.20 45.33 25.60
C GLY E 13 19.86 44.15 24.69
N TYR E 14 19.37 44.43 23.49
CA TYR E 14 19.08 43.33 22.57
C TYR E 14 20.35 42.92 21.81
N PRO E 15 20.50 41.62 21.55
CA PRO E 15 21.73 41.17 20.92
C PRO E 15 21.83 41.53 19.43
N ILE E 16 23.06 41.52 18.92
CA ILE E 16 23.33 41.72 17.52
C ILE E 16 23.09 40.38 16.85
N ILE E 17 22.53 40.37 15.66
CA ILE E 17 22.40 39.14 14.89
C ILE E 17 23.27 39.22 13.65
N ASN E 18 24.15 38.26 13.45
CA ASN E 18 24.89 38.23 12.21
C ASN E 18 24.29 37.21 11.26
N ALA E 19 23.63 37.71 10.23
CA ALA E 19 23.30 36.88 9.09
C ALA E 19 24.60 36.70 8.34
N PRO E 20 24.79 35.53 7.72
CA PRO E 20 25.88 35.39 6.74
C PRO E 20 25.81 36.53 5.72
N SER E 21 26.96 36.93 5.22
CA SER E 21 27.02 38.15 4.40
C SER E 21 27.21 37.81 2.94
N LYS E 22 27.30 36.52 2.66
CA LYS E 22 27.54 36.04 1.33
C LYS E 22 26.40 35.13 0.90
N THR E 23 26.07 35.22 -0.38
CA THR E 23 25.01 34.42 -0.97
C THR E 23 25.42 32.97 -1.10
N LYS E 24 24.43 32.08 -1.08
CA LYS E 24 24.66 30.67 -1.37
C LYS E 24 24.45 30.38 -2.86
N LEU E 25 24.16 31.42 -3.64
CA LEU E 25 23.82 31.23 -5.05
C LEU E 25 25.08 31.25 -5.92
N GLU E 26 25.52 30.08 -6.36
CA GLU E 26 26.61 29.99 -7.34
C GLU E 26 26.04 29.86 -8.75
N PRO E 27 26.86 30.18 -9.76
CA PRO E 27 26.46 29.83 -11.13
C PRO E 27 26.44 28.31 -11.35
N SER E 28 25.50 27.87 -12.18
CA SER E 28 25.17 26.46 -12.37
C SER E 28 25.90 25.86 -13.57
N ALA E 29 25.88 24.53 -13.69
CA ALA E 29 26.37 23.84 -14.89
C ALA E 29 25.86 24.50 -16.18
N PHE E 30 24.63 25.01 -16.11
CA PHE E 30 23.94 25.50 -17.29
C PHE E 30 23.99 27.01 -17.38
N HIS E 31 24.84 27.65 -16.59
CA HIS E 31 24.92 29.12 -16.54
C HIS E 31 25.03 29.77 -17.92
N TYR E 32 25.78 29.14 -18.84
CA TYR E 32 26.00 29.74 -20.15
C TYR E 32 25.17 29.13 -21.26
N VAL E 33 24.51 28.02 -20.96
CA VAL E 33 23.59 27.40 -21.90
C VAL E 33 22.36 28.24 -22.12
N PHE E 34 21.90 28.89 -21.07
CA PHE E 34 20.73 29.75 -21.18
C PHE E 34 21.10 31.20 -20.95
N GLU E 35 20.34 32.10 -21.55
CA GLU E 35 20.58 33.51 -21.38
C GLU E 35 19.63 34.10 -20.33
N GLY E 36 20.16 34.95 -19.47
CA GLY E 36 19.37 35.49 -18.37
C GLY E 36 20.09 36.63 -17.68
N VAL E 37 19.31 37.48 -17.03
CA VAL E 37 19.77 38.80 -16.59
C VAL E 37 19.60 39.07 -15.10
N LYS E 38 19.02 38.11 -14.39
CA LYS E 38 18.88 38.23 -12.95
C LYS E 38 20.17 37.74 -12.31
N GLU E 39 20.56 38.40 -11.22
CA GLU E 39 21.69 38.00 -10.39
C GLU E 39 21.26 37.98 -8.91
N PRO E 40 22.10 37.41 -8.03
CA PRO E 40 21.85 37.46 -6.58
C PRO E 40 21.55 38.84 -6.02
N ALA E 41 20.67 38.86 -5.02
CA ALA E 41 20.17 40.09 -4.44
C ALA E 41 21.22 40.60 -3.48
N VAL E 42 21.13 41.88 -3.17
CA VAL E 42 22.15 42.51 -2.35
C VAL E 42 21.89 42.21 -0.89
N LEU E 43 22.91 41.69 -0.22
CA LEU E 43 22.78 41.21 1.15
C LEU E 43 23.37 42.18 2.16
N THR E 44 24.47 42.86 1.80
CA THR E 44 25.14 43.81 2.71
C THR E 44 25.21 45.19 2.05
N LYS E 45 25.87 46.15 2.70
CA LYS E 45 25.95 47.48 2.10
C LYS E 45 27.34 47.84 1.61
N ASN E 46 28.35 47.16 2.15
CA ASN E 46 29.69 47.23 1.62
C ASN E 46 29.75 46.36 0.36
N ASP E 47 29.00 46.78 -0.65
CA ASP E 47 28.80 45.98 -1.86
C ASP E 47 28.99 46.85 -3.10
N PRO E 48 29.91 46.44 -3.99
CA PRO E 48 30.27 47.16 -5.23
C PRO E 48 29.06 47.63 -6.01
N ARG E 49 28.26 46.68 -6.49
CA ARG E 49 27.20 46.94 -7.46
C ARG E 49 26.08 47.84 -6.94
N LEU E 50 26.10 48.15 -5.65
CA LEU E 50 25.14 49.08 -5.11
C LEU E 50 25.34 50.43 -5.82
N LYS E 51 24.25 51.03 -6.29
CA LYS E 51 24.31 52.28 -7.04
C LYS E 51 23.77 53.41 -6.17
N THR E 52 23.04 53.04 -5.12
CA THR E 52 22.55 53.99 -4.14
C THR E 52 22.60 53.36 -2.72
N ASP E 53 22.04 54.04 -1.71
CA ASP E 53 22.21 53.61 -0.32
C ASP E 53 21.40 52.37 0.08
N PHE E 54 22.07 51.42 0.74
CA PHE E 54 21.43 50.13 1.04
C PHE E 54 20.27 50.22 2.03
N GLU E 55 20.57 50.42 3.31
CA GLU E 55 19.56 50.48 4.37
C GLU E 55 18.40 51.41 3.99
N GLU E 56 18.72 52.62 3.55
CA GLU E 56 17.73 53.59 3.08
C GLU E 56 16.71 52.99 2.07
N ALA E 57 17.16 52.02 1.30
CA ALA E 57 16.33 51.46 0.25
C ALA E 57 15.43 50.38 0.81
N ILE E 58 16.02 49.42 1.51
CA ILE E 58 15.28 48.25 1.98
C ILE E 58 14.15 48.62 2.95
N PHE E 59 14.24 49.81 3.53
CA PHE E 59 13.21 50.26 4.45
C PHE E 59 12.26 51.28 3.84
N SER E 60 12.50 51.71 2.60
CA SER E 60 11.61 52.67 1.98
C SER E 60 10.19 52.11 1.78
N LYS E 61 10.00 50.81 2.01
CA LYS E 61 8.68 50.20 1.84
C LYS E 61 7.71 50.80 2.83
N TYR E 62 8.21 51.07 4.03
CA TYR E 62 7.37 51.65 5.05
C TYR E 62 7.17 53.12 4.74
N VAL E 63 6.36 53.35 3.71
CA VAL E 63 6.14 54.68 3.19
C VAL E 63 5.40 55.59 4.16
N GLY E 64 4.25 55.13 4.66
CA GLY E 64 3.50 55.83 5.69
C GLY E 64 2.24 55.05 5.98
N ASN E 65 1.50 55.45 7.01
CA ASN E 65 0.13 54.98 7.18
C ASN E 65 -0.77 56.10 6.70
N LYS E 66 -1.93 55.77 6.16
CA LYS E 66 -2.73 56.77 5.47
C LYS E 66 -4.08 57.00 6.13
N ILE E 67 -4.87 55.95 6.29
CA ILE E 67 -6.09 56.04 7.07
C ILE E 67 -5.87 55.57 8.50
N THR E 68 -6.79 55.93 9.38
CA THR E 68 -6.71 55.45 10.75
C THR E 68 -8.02 54.79 11.16
N GLU E 69 -9.09 55.25 10.54
CA GLU E 69 -10.43 54.81 10.89
C GLU E 69 -11.09 53.99 9.77
N VAL E 70 -11.74 52.93 10.20
CA VAL E 70 -12.56 52.14 9.32
C VAL E 70 -13.74 53.03 8.87
N ASP E 71 -13.85 53.30 7.56
CA ASP E 71 -15.03 53.99 7.06
C ASP E 71 -16.15 53.03 6.66
N GLU E 72 -17.21 53.58 6.10
CA GLU E 72 -18.45 52.84 5.97
C GLU E 72 -18.39 51.80 4.88
N TYR E 73 -17.54 52.06 3.88
CA TYR E 73 -17.36 51.14 2.77
C TYR E 73 -16.53 49.93 3.22
N MET E 74 -15.58 50.22 4.11
CA MET E 74 -14.79 49.18 4.74
C MET E 74 -15.69 48.30 5.58
N LYS E 75 -16.52 48.94 6.41
CA LYS E 75 -17.49 48.23 7.22
C LYS E 75 -18.42 47.35 6.39
N GLU E 76 -18.80 47.84 5.21
CA GLU E 76 -19.69 47.12 4.30
C GLU E 76 -18.96 45.89 3.74
N ALA E 77 -17.78 46.14 3.16
CA ALA E 77 -16.86 45.09 2.73
C ALA E 77 -16.77 44.01 3.81
N VAL E 78 -16.44 44.46 5.03
CA VAL E 78 -16.35 43.55 6.17
C VAL E 78 -17.60 42.69 6.23
N ASP E 79 -18.78 43.32 6.19
CA ASP E 79 -20.00 42.59 6.42
C ASP E 79 -20.16 41.52 5.36
N HIS E 80 -19.92 41.92 4.11
CA HIS E 80 -20.17 41.02 3.01
C HIS E 80 -19.20 39.87 3.03
N TYR E 81 -17.93 40.20 3.23
CA TYR E 81 -16.90 39.18 3.26
C TYR E 81 -17.17 38.21 4.41
N ALA E 82 -17.54 38.75 5.57
CA ALA E 82 -17.80 37.91 6.73
C ALA E 82 -18.93 36.90 6.49
N GLY E 83 -20.03 37.38 5.92
CA GLY E 83 -21.18 36.51 5.71
C GLY E 83 -20.89 35.45 4.69
N GLN E 84 -19.98 35.76 3.77
CA GLN E 84 -19.48 34.75 2.84
C GLN E 84 -18.82 33.57 3.58
N LEU E 85 -18.02 33.88 4.59
CA LEU E 85 -17.18 32.90 5.27
C LEU E 85 -17.95 32.05 6.28
N MET E 86 -19.10 32.55 6.71
CA MET E 86 -19.86 31.80 7.68
C MET E 86 -20.49 30.61 6.99
N SER E 87 -20.67 30.76 5.67
CA SER E 87 -21.17 29.67 4.82
C SER E 87 -20.31 28.39 4.90
N LEU E 88 -19.12 28.49 5.47
CA LEU E 88 -18.20 27.35 5.50
C LEU E 88 -18.22 26.53 6.80
N ASP E 89 -19.09 26.90 7.76
CA ASP E 89 -19.16 26.19 9.05
C ASP E 89 -17.75 25.94 9.61
N ILE E 90 -17.08 27.01 9.99
CA ILE E 90 -15.68 26.92 10.37
C ILE E 90 -15.49 26.72 11.87
N ASN E 91 -14.87 25.60 12.25
CA ASN E 91 -14.52 25.31 13.66
C ASN E 91 -13.79 26.50 14.30
N THR E 92 -14.40 27.11 15.31
CA THR E 92 -13.84 28.32 15.89
C THR E 92 -13.05 28.02 17.16
N GLU E 93 -12.87 26.74 17.43
CA GLU E 93 -12.16 26.30 18.62
C GLU E 93 -10.65 26.45 18.50
N GLN E 94 -10.01 26.77 19.62
CA GLN E 94 -8.56 26.66 19.71
C GLN E 94 -8.12 25.28 19.25
N MET E 95 -6.99 25.24 18.57
CA MET E 95 -6.41 23.98 18.14
C MET E 95 -5.49 23.52 19.28
N CYS E 96 -5.46 22.23 19.58
CA CYS E 96 -4.64 21.79 20.72
C CYS E 96 -3.16 21.91 20.39
N LEU E 97 -2.34 22.21 21.39
CA LEU E 97 -0.90 22.39 21.21
C LEU E 97 -0.25 21.32 20.32
N GLU E 98 -0.70 20.09 20.47
CA GLU E 98 -0.12 19.01 19.72
C GLU E 98 -0.41 19.17 18.23
N ASP E 99 -1.60 19.61 17.89
CA ASP E 99 -1.99 19.77 16.48
C ASP E 99 -1.39 21.04 15.90
N ALA E 100 -1.35 22.08 16.72
CA ALA E 100 -0.71 23.28 16.30
C ALA E 100 0.73 22.93 15.92
N MET E 101 1.46 22.31 16.85
CA MET E 101 2.88 21.99 16.63
C MET E 101 3.17 21.07 15.46
N TYR E 102 2.48 19.92 15.40
CA TYR E 102 2.87 18.83 14.51
C TYR E 102 1.92 18.61 13.34
N GLY E 103 0.94 19.47 13.18
CA GLY E 103 0.04 19.34 12.04
C GLY E 103 -1.18 18.45 12.19
N THR E 104 -2.07 18.56 11.21
CA THR E 104 -3.32 17.82 11.20
C THR E 104 -3.92 18.02 9.84
N ASP E 105 -5.10 17.44 9.61
CA ASP E 105 -5.79 17.58 8.35
C ASP E 105 -5.94 19.07 8.03
N GLY E 106 -5.22 19.53 7.02
CA GLY E 106 -5.35 20.92 6.59
C GLY E 106 -4.21 21.84 6.99
N LEU E 107 -3.31 21.32 7.81
CA LEU E 107 -2.18 22.11 8.29
C LEU E 107 -0.94 21.27 8.47
N GLU E 108 0.14 21.62 7.78
CA GLU E 108 1.39 20.89 7.95
C GLU E 108 2.07 21.37 9.23
N ALA E 109 3.08 20.63 9.64
CA ALA E 109 3.75 20.89 10.89
C ALA E 109 4.64 22.15 10.81
N LEU E 110 5.07 22.66 11.96
CA LEU E 110 6.13 23.61 11.94
C LEU E 110 7.36 23.08 11.14
N ASP E 111 8.12 23.99 10.54
CA ASP E 111 9.27 23.58 9.79
C ASP E 111 10.45 23.35 10.72
N LEU E 112 10.88 22.11 10.81
CA LEU E 112 11.96 21.74 11.68
C LEU E 112 13.29 22.16 11.08
N SER E 113 13.25 22.56 9.82
CA SER E 113 14.47 22.98 9.21
C SER E 113 14.53 24.49 9.06
N THR E 114 14.11 25.21 10.10
CA THR E 114 14.15 26.68 10.04
C THR E 114 14.34 27.23 11.45
N SER E 115 14.92 28.43 11.49
CA SER E 115 15.14 29.18 12.73
C SER E 115 13.98 29.16 13.75
N ALA E 116 14.34 29.20 15.02
CA ALA E 116 13.34 29.28 16.07
C ALA E 116 13.08 30.72 16.44
N GLY E 117 13.79 31.63 15.77
CA GLY E 117 13.63 33.05 16.05
C GLY E 117 14.06 33.43 17.46
N TYR E 118 13.71 34.65 17.87
CA TYR E 118 13.97 35.15 19.23
C TYR E 118 13.21 34.32 20.26
N PRO E 119 13.89 33.98 21.38
CA PRO E 119 15.28 34.32 21.65
C PRO E 119 16.20 33.15 21.40
N TYR E 120 15.64 32.06 20.85
CA TYR E 120 16.37 30.83 20.66
C TYR E 120 17.54 31.03 19.73
N VAL E 121 17.42 32.02 18.86
CA VAL E 121 18.45 32.27 17.88
C VAL E 121 19.70 32.90 18.52
N ALA E 122 19.52 33.56 19.67
CA ALA E 122 20.66 34.11 20.43
C ALA E 122 21.18 33.13 21.49
N MET E 123 20.82 31.86 21.38
CA MET E 123 21.28 30.85 22.31
C MET E 123 21.66 29.60 21.57
N GLY E 124 21.88 29.73 20.27
CA GLY E 124 22.13 28.58 19.41
C GLY E 124 21.14 27.46 19.66
N LYS E 125 19.88 27.80 19.85
CA LYS E 125 18.86 26.78 20.02
C LYS E 125 18.04 26.63 18.75
N LYS E 126 17.65 25.40 18.43
CA LYS E 126 16.92 25.13 17.21
C LYS E 126 15.58 24.51 17.54
N LYS E 127 14.69 24.49 16.56
CA LYS E 127 13.42 23.78 16.72
C LYS E 127 13.63 22.30 17.06
N ARG E 128 14.68 21.69 16.50
CA ARG E 128 14.88 20.24 16.70
C ARG E 128 15.26 19.96 18.14
N ASP E 129 15.70 20.99 18.83
CA ASP E 129 16.08 20.84 20.22
C ASP E 129 14.85 20.80 21.10
N ILE E 130 13.73 21.27 20.54
CA ILE E 130 12.47 21.41 21.26
C ILE E 130 11.42 20.46 20.69
N LEU E 131 11.33 20.39 19.37
CA LEU E 131 10.29 19.56 18.79
C LEU E 131 10.79 18.21 18.31
N ASN E 132 9.92 17.21 18.41
CA ASN E 132 10.21 15.86 18.00
C ASN E 132 9.00 15.20 17.36
N LYS E 133 9.07 14.99 16.04
CA LYS E 133 7.91 14.54 15.27
C LYS E 133 7.52 13.11 15.57
N GLN E 134 8.47 12.27 15.96
CA GLN E 134 8.15 10.84 16.09
C GLN E 134 7.44 10.50 17.40
N THR E 135 7.62 11.34 18.43
CA THR E 135 6.83 11.21 19.67
C THR E 135 5.75 12.26 19.81
N ARG E 136 5.77 13.27 18.95
CA ARG E 136 4.91 14.46 19.04
C ARG E 136 4.85 15.01 20.48
N ASP E 137 6.00 15.10 21.14
CA ASP E 137 6.01 15.59 22.53
C ASP E 137 5.72 17.09 22.64
N THR E 138 4.88 17.45 23.60
CA THR E 138 4.48 18.83 23.76
C THR E 138 5.09 19.48 24.99
N LYS E 139 5.57 18.67 25.94
CA LYS E 139 5.94 19.18 27.26
C LYS E 139 6.92 20.34 27.24
N GLU E 140 8.02 20.19 26.50
CA GLU E 140 9.07 21.21 26.46
C GLU E 140 8.60 22.50 25.76
N MET E 141 7.64 22.36 24.85
CA MET E 141 7.01 23.51 24.22
C MET E 141 6.11 24.25 25.21
N GLN E 142 5.31 23.52 25.98
CA GLN E 142 4.48 24.17 26.99
C GLN E 142 5.38 24.88 28.00
N LYS E 143 6.46 24.23 28.40
CA LYS E 143 7.43 24.81 29.35
C LYS E 143 8.05 26.11 28.82
N LEU E 144 8.54 26.09 27.58
CA LEU E 144 9.03 27.32 26.94
C LEU E 144 7.94 28.38 26.67
N LEU E 145 6.70 27.95 26.41
CA LEU E 145 5.60 28.91 26.34
C LEU E 145 5.33 29.63 27.66
N ASP E 146 5.46 28.93 28.78
CA ASP E 146 5.35 29.57 30.08
C ASP E 146 6.52 30.54 30.26
N THR E 147 7.73 30.06 29.99
CA THR E 147 8.93 30.88 30.20
C THR E 147 8.94 32.24 29.45
N TYR E 148 8.89 32.21 28.13
CA TYR E 148 9.06 33.42 27.32
C TYR E 148 7.79 34.17 26.94
N GLY E 149 6.67 33.47 26.94
CA GLY E 149 5.39 34.06 26.66
C GLY E 149 5.25 34.29 25.18
N ILE E 150 4.56 35.36 24.79
CA ILE E 150 4.31 35.64 23.37
C ILE E 150 4.61 37.09 23.00
N ASN E 151 4.33 37.45 21.75
CA ASN E 151 4.59 38.83 21.29
C ASN E 151 6.07 39.17 21.40
N LEU E 152 6.92 38.25 20.96
CA LEU E 152 8.35 38.52 20.96
C LEU E 152 8.80 39.26 19.68
N PRO E 153 9.87 40.05 19.79
CA PRO E 153 10.37 40.65 18.54
C PRO E 153 10.66 39.65 17.38
N LEU E 154 10.46 40.14 16.17
CA LEU E 154 10.79 39.39 14.97
C LEU E 154 12.22 39.71 14.60
N VAL E 155 12.96 38.76 14.06
CA VAL E 155 14.32 39.06 13.54
C VAL E 155 14.30 39.29 12.03
N THR E 156 14.77 40.44 11.59
CA THR E 156 14.79 40.75 10.16
C THR E 156 16.00 40.15 9.44
N TYR E 157 15.74 39.55 8.30
CA TYR E 157 16.79 39.05 7.42
C TYR E 157 16.61 39.57 5.98
N VAL E 158 17.65 39.47 5.16
CA VAL E 158 17.47 39.77 3.75
C VAL E 158 17.28 38.44 3.00
N LYS E 159 16.24 38.36 2.17
CA LYS E 159 15.98 37.16 1.40
C LYS E 159 17.08 36.99 0.38
N ASP E 160 17.83 35.90 0.52
CA ASP E 160 18.88 35.55 -0.45
C ASP E 160 18.29 34.90 -1.70
N GLU E 161 18.13 35.68 -2.77
CA GLU E 161 17.38 35.24 -3.94
C GLU E 161 17.76 36.00 -5.21
N LEU E 162 17.35 35.48 -6.37
CA LEU E 162 17.66 36.17 -7.63
C LEU E 162 16.94 37.50 -7.72
N ARG E 163 17.51 38.42 -8.50
CA ARG E 163 16.93 39.75 -8.62
C ARG E 163 17.27 40.45 -9.94
N SER E 164 16.37 41.33 -10.41
CA SER E 164 16.62 42.14 -11.60
C SER E 164 17.81 43.11 -11.43
N LYS E 165 18.53 43.35 -12.52
CA LYS E 165 19.70 44.25 -12.52
C LYS E 165 19.33 45.57 -11.86
N THR E 166 18.31 46.22 -12.44
CA THR E 166 17.71 47.42 -11.87
C THR E 166 17.62 47.41 -10.35
N LYS E 167 17.28 46.25 -9.78
CA LYS E 167 16.94 46.15 -8.36
C LYS E 167 18.18 45.90 -7.52
N VAL E 168 19.13 45.18 -8.09
CA VAL E 168 20.41 45.01 -7.43
C VAL E 168 21.08 46.37 -7.34
N GLU E 169 20.88 47.20 -8.36
CA GLU E 169 21.46 48.53 -8.40
C GLU E 169 20.80 49.42 -7.37
N GLN E 170 19.48 49.49 -7.42
CA GLN E 170 18.70 50.35 -6.55
C GLN E 170 18.52 49.79 -5.12
N GLY E 171 19.15 48.65 -4.88
CA GLY E 171 19.20 48.05 -3.55
C GLY E 171 17.89 47.53 -3.00
N LYS E 172 16.89 47.38 -3.85
CA LYS E 172 15.60 46.86 -3.44
C LYS E 172 15.69 45.34 -3.20
N SER E 173 16.42 44.97 -2.16
CA SER E 173 16.46 43.59 -1.71
C SER E 173 15.21 43.33 -0.86
N ARG E 174 14.82 42.07 -0.70
CA ARG E 174 13.60 41.80 0.04
C ARG E 174 13.87 41.29 1.44
N LEU E 175 13.13 41.82 2.41
CA LEU E 175 13.31 41.52 3.83
C LEU E 175 12.40 40.43 4.35
N ILE E 176 12.95 39.66 5.29
CA ILE E 176 12.21 38.58 5.91
C ILE E 176 12.11 38.80 7.43
N GLU E 177 10.92 38.59 8.00
CA GLU E 177 10.76 38.69 9.45
C GLU E 177 10.69 37.29 10.05
N ALA E 178 11.73 36.86 10.76
CA ALA E 178 11.70 35.52 11.38
C ALA E 178 10.84 35.52 12.64
N SER E 179 9.75 34.76 12.53
CA SER E 179 8.82 34.60 13.63
C SER E 179 9.40 33.75 14.77
N SER E 180 9.12 34.18 15.99
CA SER E 180 9.46 33.39 17.16
C SER E 180 8.68 32.10 17.12
N LEU E 181 9.36 31.00 17.45
CA LEU E 181 8.72 29.70 17.60
C LEU E 181 7.48 29.81 18.48
N ASN E 182 7.65 30.49 19.63
CA ASN E 182 6.53 30.76 20.52
C ASN E 182 5.33 31.42 19.85
N ASP E 183 5.62 32.43 19.02
CA ASP E 183 4.55 33.22 18.44
C ASP E 183 3.93 32.40 17.34
N SER E 184 4.76 31.67 16.60
CA SER E 184 4.26 30.76 15.59
C SER E 184 3.34 29.75 16.23
N VAL E 185 3.65 29.37 17.46
CA VAL E 185 2.89 28.31 18.09
C VAL E 185 1.56 28.89 18.63
N ALA E 186 1.65 29.99 19.37
CA ALA E 186 0.43 30.72 19.80
C ALA E 186 -0.53 31.01 18.64
N MET E 187 0.01 31.46 17.51
CA MET E 187 -0.83 31.75 16.35
C MET E 187 -1.55 30.52 15.85
N ARG E 188 -0.90 29.38 15.91
CA ARG E 188 -1.50 28.16 15.36
C ARG E 188 -2.53 27.56 16.32
N MET E 189 -2.43 27.84 17.61
CA MET E 189 -3.47 27.37 18.53
C MET E 189 -4.73 28.20 18.34
N ALA E 190 -4.55 29.51 18.14
CA ALA E 190 -5.65 30.45 17.95
C ALA E 190 -6.28 30.34 16.57
N PHE E 191 -5.46 30.26 15.52
CA PHE E 191 -6.03 30.26 14.19
C PHE E 191 -5.79 29.01 13.36
N GLY E 192 -5.31 27.94 13.98
CA GLY E 192 -5.10 26.71 13.26
C GLY E 192 -6.34 26.21 12.52
N ASN E 193 -7.52 26.36 13.13
CA ASN E 193 -8.73 25.84 12.49
C ASN E 193 -9.17 26.66 11.31
N LEU E 194 -8.96 27.98 11.39
CA LEU E 194 -9.26 28.88 10.28
C LEU E 194 -8.34 28.57 9.09
N TYR E 195 -7.05 28.38 9.39
CA TYR E 195 -6.10 27.98 8.35
C TYR E 195 -6.55 26.72 7.66
N ALA E 196 -6.82 25.70 8.47
CA ALA E 196 -7.16 24.40 7.92
C ALA E 196 -8.39 24.52 7.04
N ALA E 197 -9.29 25.44 7.41
CA ALA E 197 -10.48 25.68 6.60
C ALA E 197 -10.07 26.28 5.27
N PHE E 198 -9.37 27.41 5.31
CA PHE E 198 -8.91 28.03 4.07
C PHE E 198 -8.09 27.05 3.22
N HIS E 199 -7.19 26.30 3.85
CA HIS E 199 -6.36 25.38 3.09
C HIS E 199 -7.18 24.31 2.36
N LYS E 200 -8.34 23.98 2.90
CA LYS E 200 -9.17 22.98 2.28
C LYS E 200 -10.08 23.63 1.26
N ASN E 201 -10.30 24.93 1.36
CA ASN E 201 -11.34 25.54 0.54
C ASN E 201 -10.94 26.66 -0.44
N PRO E 202 -9.94 26.38 -1.29
CA PRO E 202 -9.58 27.47 -2.21
C PRO E 202 -10.68 27.73 -3.23
N GLY E 203 -10.92 29.01 -3.52
CA GLY E 203 -11.88 29.41 -4.53
C GLY E 203 -12.44 30.82 -4.44
N VAL E 204 -13.77 30.91 -4.48
CA VAL E 204 -14.42 32.22 -4.60
C VAL E 204 -15.19 32.59 -3.34
N ILE E 205 -15.49 31.58 -2.51
CA ILE E 205 -16.04 31.77 -1.17
C ILE E 205 -14.99 32.31 -0.20
N THR E 206 -13.79 31.72 -0.22
CA THR E 206 -12.67 32.23 0.58
C THR E 206 -12.03 33.41 -0.12
N GLY E 207 -12.01 33.39 -1.45
CA GLY E 207 -11.18 34.33 -2.19
C GLY E 207 -9.68 34.08 -2.01
N SER E 208 -9.33 32.90 -1.52
CA SER E 208 -7.93 32.44 -1.46
C SER E 208 -7.62 31.26 -2.39
N ALA E 209 -6.39 31.22 -2.90
CA ALA E 209 -5.91 30.08 -3.69
C ALA E 209 -4.91 29.22 -2.90
N VAL E 210 -4.66 29.62 -1.67
CA VAL E 210 -3.83 28.87 -0.74
C VAL E 210 -4.43 27.49 -0.50
N GLY E 211 -3.68 26.45 -0.85
CA GLY E 211 -4.17 25.09 -0.69
C GLY E 211 -4.37 24.42 -2.03
N CYS E 212 -4.23 25.21 -3.10
CA CYS E 212 -4.43 24.68 -4.45
C CYS E 212 -3.16 24.11 -5.10
N ASP E 213 -3.40 23.21 -6.04
CA ASP E 213 -2.42 22.76 -6.99
C ASP E 213 -2.72 23.39 -8.35
N PRO E 214 -1.88 24.33 -8.78
CA PRO E 214 -2.08 24.95 -10.10
C PRO E 214 -2.28 23.99 -11.29
N ASP E 215 -1.82 22.75 -11.19
CA ASP E 215 -1.99 21.84 -12.32
C ASP E 215 -3.42 21.34 -12.47
N LEU E 216 -4.16 21.30 -11.35
CA LEU E 216 -5.55 20.81 -11.34
C LEU E 216 -6.55 21.92 -11.13
N PHE E 217 -6.06 23.10 -10.77
CA PHE E 217 -6.93 24.17 -10.30
C PHE E 217 -7.22 25.13 -11.41
N TRP E 218 -6.27 25.25 -12.34
CA TRP E 218 -6.43 26.15 -13.48
C TRP E 218 -7.66 25.78 -14.33
N SER E 219 -8.17 24.57 -14.15
CA SER E 219 -9.33 24.13 -14.89
C SER E 219 -10.61 24.54 -14.18
N LYS E 220 -10.52 24.70 -12.86
CA LYS E 220 -11.67 25.09 -12.05
C LYS E 220 -11.91 26.59 -12.04
N ILE E 221 -10.85 27.36 -12.29
CA ILE E 221 -10.92 28.81 -12.09
C ILE E 221 -11.93 29.48 -13.06
N PRO E 222 -11.83 29.21 -14.38
CA PRO E 222 -12.75 29.91 -15.29
C PRO E 222 -14.24 29.57 -15.10
N VAL E 223 -14.52 28.47 -14.44
CA VAL E 223 -15.89 28.15 -14.02
C VAL E 223 -16.31 29.09 -12.90
N LEU E 224 -15.48 29.19 -11.87
CA LEU E 224 -15.74 30.02 -10.70
C LEU E 224 -15.89 31.50 -11.05
N MET E 225 -15.26 31.93 -12.13
CA MET E 225 -15.27 33.35 -12.48
C MET E 225 -16.61 33.86 -13.02
N GLU E 226 -16.71 35.19 -13.09
CA GLU E 226 -17.77 35.85 -13.82
C GLU E 226 -17.22 36.07 -15.21
N GLU E 227 -17.71 37.10 -15.89
CA GLU E 227 -17.36 37.28 -17.30
C GLU E 227 -16.21 38.26 -17.46
N LYS E 228 -16.50 39.56 -17.43
CA LYS E 228 -15.45 40.55 -17.61
C LYS E 228 -14.50 40.49 -16.42
N LEU E 229 -13.22 40.25 -16.69
CA LEU E 229 -12.25 40.12 -15.62
C LEU E 229 -11.55 41.44 -15.38
N PHE E 230 -11.03 41.61 -14.17
CA PHE E 230 -10.11 42.71 -13.86
C PHE E 230 -8.99 42.24 -12.98
N ALA E 231 -7.88 42.97 -13.03
CA ALA E 231 -6.68 42.62 -12.28
C ALA E 231 -5.77 43.82 -12.19
N PHE E 232 -4.83 43.77 -11.27
CA PHE E 232 -3.84 44.82 -11.15
C PHE E 232 -2.68 44.36 -10.27
N ASP E 233 -1.63 45.18 -10.25
CA ASP E 233 -0.49 44.93 -9.40
C ASP E 233 -0.57 45.87 -8.22
N TYR E 234 0.21 45.57 -7.20
CA TYR E 234 0.35 46.39 -6.00
C TYR E 234 1.81 46.77 -5.92
N THR E 235 2.10 47.96 -5.40
CA THR E 235 3.47 48.34 -5.09
C THR E 235 3.58 48.32 -3.57
N GLY E 236 4.50 47.52 -3.06
CA GLY E 236 4.70 47.38 -1.63
C GLY E 236 3.46 47.01 -0.82
N TYR E 237 2.69 46.05 -1.33
CA TYR E 237 1.42 45.65 -0.69
C TYR E 237 1.41 45.60 0.81
N ASP E 238 2.33 44.83 1.39
CA ASP E 238 2.17 44.46 2.78
C ASP E 238 2.56 45.61 3.69
N ALA E 239 3.67 46.27 3.37
CA ALA E 239 4.15 47.43 4.14
C ALA E 239 3.24 48.61 3.89
N SER E 240 2.72 48.72 2.68
CA SER E 240 1.79 49.80 2.38
C SER E 240 0.53 49.75 3.28
N LEU E 241 0.13 48.56 3.75
CA LEU E 241 -1.04 48.43 4.65
C LEU E 241 -1.00 49.32 5.91
N SER E 242 -2.17 49.62 6.45
CA SER E 242 -2.27 50.58 7.55
C SER E 242 -3.27 50.10 8.60
N PRO E 243 -3.09 50.55 9.86
CA PRO E 243 -3.90 50.13 11.01
C PRO E 243 -5.38 49.88 10.73
N ALA E 244 -6.04 50.82 10.07
CA ALA E 244 -7.47 50.67 9.78
C ALA E 244 -7.77 49.33 9.13
N TRP E 245 -6.84 48.86 8.30
CA TRP E 245 -7.04 47.59 7.62
C TRP E 245 -7.01 46.43 8.62
N PHE E 246 -6.05 46.49 9.54
CA PHE E 246 -5.91 45.47 10.57
C PHE E 246 -7.13 45.52 11.46
N GLU E 247 -7.67 46.72 11.63
CA GLU E 247 -8.89 46.86 12.43
C GLU E 247 -10.06 46.17 11.75
N ALA E 248 -10.18 46.35 10.43
CA ALA E 248 -11.27 45.73 9.72
C ALA E 248 -11.14 44.21 9.71
N LEU E 249 -9.92 43.71 9.59
CA LEU E 249 -9.68 42.27 9.63
C LEU E 249 -10.14 41.69 10.97
N LYS E 250 -9.83 42.39 12.06
CA LYS E 250 -10.32 42.01 13.38
C LYS E 250 -11.85 41.93 13.41
N MET E 251 -12.52 42.85 12.72
CA MET E 251 -13.99 42.89 12.76
C MET E 251 -14.57 41.63 12.09
N VAL E 252 -14.08 41.29 10.90
CA VAL E 252 -14.37 40.00 10.28
C VAL E 252 -14.12 38.82 11.22
N LEU E 253 -12.93 38.79 11.80
CA LEU E 253 -12.56 37.73 12.74
C LEU E 253 -13.51 37.68 13.95
N GLU E 254 -13.88 38.85 14.49
CA GLU E 254 -14.88 38.96 15.56
C GLU E 254 -16.23 38.37 15.08
N LYS E 255 -16.56 38.62 13.82
CA LYS E 255 -17.84 38.27 13.25
C LYS E 255 -17.97 36.77 13.07
N ILE E 256 -16.86 36.07 12.83
CA ILE E 256 -16.99 34.65 12.52
C ILE E 256 -16.68 33.69 13.64
N GLY E 257 -16.41 34.20 14.84
CA GLY E 257 -16.24 33.36 16.03
C GLY E 257 -14.88 33.36 16.72
N PHE E 258 -13.91 34.08 16.15
CA PHE E 258 -12.57 34.13 16.72
C PHE E 258 -12.36 35.43 17.48
N GLY E 259 -13.36 35.83 18.27
CA GLY E 259 -13.32 37.15 18.91
C GLY E 259 -12.36 37.28 20.08
N ASP E 260 -12.33 36.25 20.93
CA ASP E 260 -11.43 36.21 22.08
C ASP E 260 -9.96 36.27 21.70
N ARG E 261 -9.65 36.21 20.41
CA ARG E 261 -8.26 36.26 20.03
C ARG E 261 -7.93 37.21 18.89
N VAL E 262 -8.44 38.43 18.95
CA VAL E 262 -8.11 39.42 17.94
C VAL E 262 -6.90 40.24 18.36
N ASP E 263 -6.60 40.28 19.66
CA ASP E 263 -5.39 41.00 20.09
C ASP E 263 -4.15 40.46 19.38
N TYR E 264 -4.23 39.22 18.92
CA TYR E 264 -3.11 38.63 18.22
C TYR E 264 -2.84 39.43 16.96
N ILE E 265 -3.89 40.05 16.45
CA ILE E 265 -3.84 40.86 15.23
C ILE E 265 -3.10 42.14 15.52
N ASP E 266 -3.36 42.73 16.70
CA ASP E 266 -2.61 43.89 17.16
C ASP E 266 -1.10 43.60 17.10
N TYR E 267 -0.73 42.36 17.35
CA TYR E 267 0.67 41.97 17.43
C TYR E 267 1.32 41.91 16.04
N LEU E 268 0.53 42.01 14.98
CA LEU E 268 1.13 42.06 13.66
C LEU E 268 1.15 43.52 13.18
N ASN E 269 0.15 44.27 13.62
CA ASN E 269 0.10 45.71 13.42
C ASN E 269 1.34 46.40 14.05
N HIS E 270 1.40 46.39 15.38
CA HIS E 270 2.50 47.00 16.13
C HIS E 270 3.59 45.95 16.43
N SER E 271 4.72 46.04 15.73
CA SER E 271 5.76 45.04 15.93
C SER E 271 7.18 45.60 16.14
N HIS E 272 8.01 44.87 16.88
CA HIS E 272 9.38 45.30 17.05
C HIS E 272 10.36 44.35 16.37
N HIS E 273 11.43 44.87 15.79
CA HIS E 273 12.29 44.04 14.94
C HIS E 273 13.78 44.16 15.28
N LEU E 274 14.46 43.02 15.25
CA LEU E 274 15.92 42.98 15.31
C LEU E 274 16.51 42.86 13.90
N TYR E 275 17.22 43.89 13.48
CA TYR E 275 17.92 43.82 12.21
C TYR E 275 19.38 44.13 12.43
N LYS E 276 20.20 43.09 12.34
CA LYS E 276 21.64 43.20 12.54
C LYS E 276 21.96 43.79 13.90
N ASN E 277 22.34 45.06 13.92
CA ASN E 277 22.77 45.74 15.13
C ASN E 277 21.81 46.83 15.53
N LYS E 278 20.61 46.80 14.97
CA LYS E 278 19.62 47.83 15.22
C LYS E 278 18.32 47.20 15.69
N THR E 279 17.39 48.04 16.12
CA THR E 279 16.14 47.59 16.70
C THR E 279 15.05 48.61 16.43
N TYR E 280 13.97 48.21 15.77
CA TYR E 280 12.98 49.18 15.38
C TYR E 280 11.51 48.83 15.63
N CYS E 281 10.70 49.87 15.78
CA CYS E 281 9.28 49.70 15.99
C CYS E 281 8.54 50.04 14.71
N VAL E 282 7.59 49.20 14.32
CA VAL E 282 6.85 49.46 13.12
C VAL E 282 5.38 49.35 13.50
N LYS E 283 4.60 50.33 13.05
CA LYS E 283 3.16 50.40 13.29
C LYS E 283 2.49 50.47 11.93
N GLY E 284 1.53 49.60 11.69
CA GLY E 284 1.04 49.36 10.35
C GLY E 284 2.01 48.42 9.65
N GLY E 285 1.58 47.80 8.55
CA GLY E 285 2.39 46.82 7.86
C GLY E 285 2.26 45.39 8.37
N MET E 286 1.81 44.49 7.50
CA MET E 286 1.88 43.05 7.71
C MET E 286 3.33 42.62 7.71
N PRO E 287 3.78 41.91 8.76
CA PRO E 287 5.16 41.43 8.72
C PRO E 287 5.36 40.18 7.84
N SER E 288 6.52 40.09 7.19
CA SER E 288 6.78 39.06 6.17
C SER E 288 6.61 37.62 6.66
N GLY E 289 7.13 37.33 7.85
CA GLY E 289 7.33 35.95 8.22
C GLY E 289 6.50 35.39 9.35
N CYS E 290 5.49 36.14 9.77
CA CYS E 290 4.60 35.68 10.83
C CYS E 290 3.80 34.45 10.43
N SER E 291 3.27 33.75 11.42
CA SER E 291 2.29 32.73 11.11
C SER E 291 1.04 33.42 10.58
N GLY E 292 0.44 32.83 9.56
CA GLY E 292 -0.83 33.32 9.07
C GLY E 292 -0.78 34.31 7.94
N THR E 293 0.35 35.00 7.81
CA THR E 293 0.55 36.03 6.80
C THR E 293 0.00 35.74 5.39
N SER E 294 0.13 34.52 4.88
CA SER E 294 -0.53 34.18 3.62
C SER E 294 -2.07 34.26 3.69
N ILE E 295 -2.68 33.54 4.64
CA ILE E 295 -4.11 33.65 4.88
C ILE E 295 -4.60 35.11 5.15
N PHE E 296 -3.94 35.81 6.09
CA PHE E 296 -4.37 37.15 6.50
C PHE E 296 -4.17 38.22 5.43
N ASN E 297 -3.10 38.16 4.66
CA ASN E 297 -2.94 39.13 3.58
C ASN E 297 -3.96 38.92 2.47
N SER E 298 -4.37 37.68 2.25
CA SER E 298 -5.39 37.38 1.23
C SER E 298 -6.73 37.90 1.71
N MET E 299 -7.00 37.65 2.99
CA MET E 299 -8.23 38.13 3.58
C MET E 299 -8.31 39.63 3.41
N ILE E 300 -7.20 40.32 3.67
CA ILE E 300 -7.27 41.78 3.59
C ILE E 300 -7.45 42.20 2.15
N ASN E 301 -7.02 41.37 1.21
CA ASN E 301 -7.18 41.69 -0.20
C ASN E 301 -8.63 41.59 -0.62
N ASN E 302 -9.30 40.56 -0.14
CA ASN E 302 -10.73 40.42 -0.33
C ASN E 302 -11.56 41.57 0.30
N LEU E 303 -10.92 42.38 1.14
CA LEU E 303 -11.56 43.53 1.76
C LEU E 303 -11.30 44.83 0.95
N ILE E 304 -10.09 44.96 0.48
CA ILE E 304 -9.67 46.10 -0.30
C ILE E 304 -10.46 46.23 -1.58
N ILE E 305 -10.47 45.15 -2.38
CA ILE E 305 -11.26 45.11 -3.62
C ILE E 305 -12.72 45.45 -3.33
N ARG E 306 -13.38 44.67 -2.46
CA ARG E 306 -14.76 44.92 -2.13
C ARG E 306 -14.99 46.37 -1.74
N THR E 307 -14.02 46.95 -1.06
CA THR E 307 -14.18 48.32 -0.58
C THR E 307 -14.06 49.25 -1.75
N LEU E 308 -12.89 49.30 -2.38
CA LEU E 308 -12.69 50.13 -3.55
C LEU E 308 -13.84 49.97 -4.57
N LEU E 309 -14.33 48.75 -4.76
CA LEU E 309 -15.55 48.57 -5.56
C LEU E 309 -16.65 49.51 -5.07
N LEU E 310 -17.07 49.33 -3.82
CA LEU E 310 -18.22 50.03 -3.25
C LEU E 310 -18.09 51.55 -3.36
N LYS E 311 -16.86 52.05 -3.28
CA LYS E 311 -16.62 53.48 -3.40
C LYS E 311 -16.73 53.93 -4.83
N THR E 312 -16.25 53.10 -5.75
CA THR E 312 -16.09 53.54 -7.13
C THR E 312 -17.30 53.19 -8.01
N TYR E 313 -18.14 52.26 -7.56
CA TYR E 313 -19.33 51.88 -8.33
C TYR E 313 -20.52 51.74 -7.38
N LYS E 314 -21.24 52.84 -7.21
CA LYS E 314 -22.35 52.96 -6.25
C LYS E 314 -23.41 51.87 -6.37
N GLY E 315 -23.82 51.31 -5.24
CA GLY E 315 -24.89 50.32 -5.22
C GLY E 315 -24.48 48.94 -5.73
N ILE E 316 -23.21 48.80 -6.14
CA ILE E 316 -22.69 47.53 -6.69
C ILE E 316 -22.96 46.29 -5.83
N ASP E 317 -23.57 45.26 -6.42
CA ASP E 317 -23.90 44.05 -5.64
C ASP E 317 -22.72 43.09 -5.60
N LEU E 318 -22.01 43.11 -4.48
CA LEU E 318 -20.83 42.28 -4.29
C LEU E 318 -21.20 40.80 -4.17
N ASP E 319 -22.49 40.47 -4.13
CA ASP E 319 -22.92 39.08 -4.13
C ASP E 319 -22.52 38.40 -5.45
N HIS E 320 -22.03 39.19 -6.41
CA HIS E 320 -21.78 38.71 -7.76
C HIS E 320 -20.35 38.89 -8.21
N LEU E 321 -19.53 39.43 -7.32
CA LEU E 321 -18.09 39.50 -7.58
C LEU E 321 -17.49 38.14 -7.29
N LYS E 322 -16.61 37.70 -8.19
CA LYS E 322 -15.91 36.46 -8.01
C LYS E 322 -14.39 36.75 -8.05
N MET E 323 -13.72 36.48 -6.95
CA MET E 323 -12.28 36.73 -6.92
C MET E 323 -11.47 35.67 -6.16
N ILE E 324 -10.22 35.49 -6.57
CA ILE E 324 -9.29 34.64 -5.82
C ILE E 324 -7.94 35.30 -5.63
N ALA E 325 -7.53 35.40 -4.36
CA ALA E 325 -6.26 36.05 -4.03
C ALA E 325 -5.30 35.05 -3.41
N TYR E 326 -4.01 35.26 -3.63
CA TYR E 326 -2.94 34.60 -2.89
C TYR E 326 -2.04 35.71 -2.37
N GLY E 327 -2.34 36.21 -1.17
CA GLY E 327 -1.71 37.44 -0.72
C GLY E 327 -2.05 38.60 -1.65
N ASP E 328 -1.04 39.32 -2.13
CA ASP E 328 -1.36 40.47 -2.98
C ASP E 328 -1.77 40.06 -4.40
N ASP E 329 -1.44 38.85 -4.80
CA ASP E 329 -1.79 38.40 -6.14
C ASP E 329 -3.28 38.19 -6.19
N VAL E 330 -3.87 38.49 -7.33
CA VAL E 330 -5.31 38.42 -7.47
C VAL E 330 -5.76 38.26 -8.91
N ILE E 331 -6.86 37.51 -9.07
CA ILE E 331 -7.57 37.39 -10.32
C ILE E 331 -9.04 37.65 -9.98
N ALA E 332 -9.63 38.69 -10.56
CA ALA E 332 -10.98 39.10 -10.19
C ALA E 332 -11.96 39.24 -11.37
N SER E 333 -13.20 38.86 -11.12
CA SER E 333 -14.25 38.94 -12.15
C SER E 333 -15.52 39.64 -11.65
N TYR E 334 -16.10 40.46 -12.52
CA TYR E 334 -17.47 40.94 -12.33
C TYR E 334 -18.24 40.71 -13.63
N PRO E 335 -19.57 40.47 -13.55
CA PRO E 335 -20.39 40.32 -14.76
C PRO E 335 -20.30 41.50 -15.74
N HIS E 336 -20.12 42.72 -15.22
CA HIS E 336 -19.99 43.90 -16.06
C HIS E 336 -18.57 44.37 -15.97
N GLU E 337 -18.12 45.17 -16.93
CA GLU E 337 -16.71 45.57 -16.96
C GLU E 337 -16.41 46.47 -15.78
N VAL E 338 -15.22 46.34 -15.21
CA VAL E 338 -14.76 47.30 -14.20
C VAL E 338 -13.38 47.82 -14.57
N ASP E 339 -13.14 49.09 -14.26
CA ASP E 339 -11.96 49.79 -14.75
C ASP E 339 -10.90 49.94 -13.66
N ALA E 340 -9.82 49.17 -13.76
CA ALA E 340 -8.79 49.16 -12.73
C ALA E 340 -8.12 50.51 -12.56
N SER E 341 -8.15 51.34 -13.60
CA SER E 341 -7.53 52.66 -13.51
C SER E 341 -8.30 53.53 -12.53
N LEU E 342 -9.58 53.22 -12.36
CA LEU E 342 -10.39 53.95 -11.40
C LEU E 342 -10.05 53.50 -9.98
N LEU E 343 -10.24 52.20 -9.73
CA LEU E 343 -9.97 51.60 -8.41
C LEU E 343 -8.59 52.03 -7.88
N ALA E 344 -7.61 52.01 -8.78
CA ALA E 344 -6.25 52.41 -8.48
C ALA E 344 -6.18 53.86 -8.02
N GLN E 345 -7.15 54.67 -8.43
CA GLN E 345 -7.19 56.06 -7.96
C GLN E 345 -7.77 56.12 -6.55
N SER E 346 -8.87 55.41 -6.32
CA SER E 346 -9.43 55.35 -4.97
C SER E 346 -8.38 54.76 -4.03
N GLY E 347 -7.73 53.70 -4.50
CA GLY E 347 -6.64 53.05 -3.79
C GLY E 347 -5.77 53.98 -2.97
N LYS E 348 -5.41 55.11 -3.56
CA LYS E 348 -4.55 56.11 -2.92
C LYS E 348 -5.10 56.56 -1.56
N ASP E 349 -6.41 56.77 -1.51
CA ASP E 349 -7.07 57.28 -0.31
C ASP E 349 -7.04 56.26 0.82
N TYR E 350 -6.69 55.03 0.48
CA TYR E 350 -6.58 54.01 1.50
C TYR E 350 -5.12 53.60 1.66
N GLY E 351 -4.23 54.44 1.15
CA GLY E 351 -2.80 54.22 1.27
C GLY E 351 -2.23 53.14 0.37
N LEU E 352 -3.03 52.62 -0.54
CA LEU E 352 -2.54 51.60 -1.46
C LEU E 352 -2.06 52.23 -2.75
N THR E 353 -0.98 51.67 -3.28
CA THR E 353 -0.46 52.09 -4.57
C THR E 353 -0.70 50.97 -5.60
N MET E 354 -1.65 51.20 -6.50
CA MET E 354 -2.00 50.20 -7.50
C MET E 354 -1.53 50.59 -8.90
N THR E 355 -0.77 49.71 -9.55
CA THR E 355 -0.26 49.98 -10.90
C THR E 355 -0.89 48.94 -11.83
N PRO E 356 -0.81 49.15 -13.15
CA PRO E 356 -1.43 48.14 -14.04
C PRO E 356 -0.76 46.75 -13.96
N ALA E 357 -1.53 45.71 -14.26
CA ALA E 357 -1.08 44.35 -14.03
C ALA E 357 0.10 43.95 -14.90
N ASP E 358 0.91 43.01 -14.39
CA ASP E 358 2.10 42.46 -15.02
C ASP E 358 3.09 43.49 -15.52
N LYS E 359 3.25 44.61 -14.81
CA LYS E 359 4.24 45.60 -15.18
C LYS E 359 3.96 46.22 -16.56
N SER E 360 2.81 45.90 -17.15
CA SER E 360 2.40 46.49 -18.43
C SER E 360 2.04 47.95 -18.20
N ALA E 361 2.79 48.86 -18.83
CA ALA E 361 2.77 50.28 -18.44
C ALA E 361 1.52 51.12 -18.77
N THR E 362 0.36 50.50 -18.98
CA THR E 362 -0.89 51.25 -19.06
C THR E 362 -2.09 50.37 -18.82
N PHE E 363 -3.12 50.93 -18.19
CA PHE E 363 -4.30 50.16 -17.82
C PHE E 363 -5.09 49.76 -19.04
N GLU E 364 -5.03 48.47 -19.39
CA GLU E 364 -5.88 47.96 -20.46
C GLU E 364 -6.58 46.67 -20.06
N THR E 365 -7.28 46.08 -21.01
CA THR E 365 -8.30 45.08 -20.74
C THR E 365 -7.80 43.69 -20.42
N VAL E 366 -8.16 43.17 -19.24
CA VAL E 366 -7.69 41.84 -18.91
C VAL E 366 -8.50 40.85 -19.73
N THR E 367 -7.84 39.80 -20.21
CA THR E 367 -8.47 38.76 -21.01
C THR E 367 -7.72 37.50 -20.83
N TRP E 368 -8.45 36.40 -20.69
CA TRP E 368 -7.87 35.08 -20.60
C TRP E 368 -6.57 34.87 -21.38
N GLU E 369 -6.31 35.70 -22.38
CA GLU E 369 -5.09 35.54 -23.17
C GLU E 369 -3.90 36.15 -22.43
N ASN E 370 -4.11 37.28 -21.76
CA ASN E 370 -2.99 37.99 -21.15
C ASN E 370 -3.01 38.01 -19.61
N VAL E 371 -4.00 37.37 -19.01
CA VAL E 371 -4.14 37.37 -17.55
C VAL E 371 -3.14 36.40 -16.86
N THR E 372 -2.75 36.77 -15.63
CA THR E 372 -1.78 36.00 -14.86
C THR E 372 -2.23 35.81 -13.44
N PHE E 373 -1.93 34.62 -12.93
CA PHE E 373 -2.08 34.30 -11.53
C PHE E 373 -0.90 33.44 -11.13
N LEU E 374 -0.26 33.73 -10.01
CA LEU E 374 0.95 33.00 -9.60
C LEU E 374 1.97 32.80 -10.72
N LYS E 375 2.29 33.87 -11.43
CA LYS E 375 3.20 33.86 -12.59
C LYS E 375 2.82 32.84 -13.68
N ARG E 376 1.56 32.43 -13.73
CA ARG E 376 1.14 31.48 -14.75
C ARG E 376 0.09 32.05 -15.62
N PHE E 377 0.23 31.81 -16.93
CA PHE E 377 -0.83 32.13 -17.88
C PHE E 377 -1.88 31.02 -17.89
N PHE E 378 -3.00 31.29 -18.56
CA PHE E 378 -4.00 30.26 -18.77
C PHE E 378 -4.02 29.89 -20.25
N ARG E 379 -3.96 28.59 -20.56
CA ARG E 379 -3.93 28.11 -21.94
C ARG E 379 -4.53 26.75 -21.99
N ALA E 380 -5.55 26.62 -22.85
CA ALA E 380 -6.35 25.42 -22.95
C ALA E 380 -5.60 24.37 -23.74
N ASP E 381 -5.74 23.10 -23.35
CA ASP E 381 -5.16 21.98 -24.07
C ASP E 381 -5.74 21.90 -25.49
N GLU E 382 -4.88 21.76 -26.50
CA GLU E 382 -5.33 21.65 -27.90
C GLU E 382 -6.30 20.47 -28.16
N LYS E 383 -6.18 19.40 -27.38
CA LYS E 383 -7.05 18.23 -27.57
C LYS E 383 -8.32 18.34 -26.72
N TYR E 384 -8.16 18.58 -25.43
CA TYR E 384 -9.28 18.75 -24.51
C TYR E 384 -9.28 20.21 -24.04
N PRO E 385 -9.99 21.09 -24.76
CA PRO E 385 -9.84 22.53 -24.47
C PRO E 385 -10.50 23.02 -23.18
N PHE E 386 -11.12 22.11 -22.40
CA PHE E 386 -11.63 22.48 -21.08
C PHE E 386 -10.60 22.24 -19.98
N LEU E 387 -9.57 21.46 -20.32
CA LEU E 387 -8.41 21.30 -19.47
C LEU E 387 -7.49 22.47 -19.72
N ILE E 388 -7.19 23.21 -18.65
CA ILE E 388 -6.38 24.41 -18.78
C ILE E 388 -4.99 24.16 -18.26
N HIS E 389 -4.00 24.48 -19.09
CA HIS E 389 -2.58 24.51 -18.69
C HIS E 389 -2.28 25.75 -17.83
N PRO E 390 -1.53 25.55 -16.73
CA PRO E 390 -0.94 26.73 -16.08
C PRO E 390 0.30 27.05 -16.88
N VAL E 391 0.46 28.24 -17.44
CA VAL E 391 1.67 28.37 -18.23
C VAL E 391 2.59 29.44 -17.70
N MET E 392 3.73 28.97 -17.19
CA MET E 392 4.82 29.83 -16.80
C MET E 392 5.74 29.96 -17.96
N PRO E 393 6.14 31.20 -18.28
CA PRO E 393 7.01 31.51 -19.43
C PRO E 393 8.41 30.95 -19.27
N MET E 394 8.95 30.37 -20.33
CA MET E 394 10.32 29.81 -20.29
C MET E 394 11.32 30.75 -19.64
N LYS E 395 11.21 32.03 -19.97
CA LYS E 395 12.08 33.08 -19.45
C LYS E 395 12.35 32.93 -17.96
N GLU E 396 11.31 32.70 -17.17
CA GLU E 396 11.48 32.61 -15.72
C GLU E 396 12.24 31.34 -15.32
N ILE E 397 11.96 30.28 -16.06
CA ILE E 397 12.54 28.98 -15.80
C ILE E 397 13.99 29.04 -16.15
N HIS E 398 14.28 29.77 -17.22
CA HIS E 398 15.64 30.01 -17.70
C HIS E 398 16.48 30.68 -16.61
N GLU E 399 15.93 31.72 -15.98
CA GLU E 399 16.61 32.42 -14.91
C GLU E 399 17.01 31.49 -13.76
N SER E 400 16.13 30.54 -13.44
CA SER E 400 16.30 29.67 -12.28
C SER E 400 17.41 28.58 -12.40
N ILE E 401 17.51 27.95 -13.58
CA ILE E 401 18.43 26.86 -13.81
C ILE E 401 19.87 27.36 -13.98
N ARG E 402 20.02 28.68 -14.13
CA ARG E 402 21.33 29.29 -14.33
C ARG E 402 22.15 29.34 -13.03
N TRP E 403 21.45 29.32 -11.90
CA TRP E 403 22.05 29.39 -10.57
C TRP E 403 21.76 28.16 -9.69
N THR E 404 22.57 27.97 -8.65
CA THR E 404 22.30 26.90 -7.68
C THR E 404 22.86 27.25 -6.30
N LYS E 405 22.26 26.69 -5.26
CA LYS E 405 22.75 26.95 -3.91
C LYS E 405 23.56 25.75 -3.46
N ASP E 406 23.44 24.68 -4.22
CA ASP E 406 24.17 23.47 -3.91
C ASP E 406 24.11 22.52 -5.11
N PRO E 407 25.26 22.31 -5.77
CA PRO E 407 25.34 21.50 -6.98
C PRO E 407 24.79 20.08 -6.80
N ARG E 408 24.74 19.56 -5.57
CA ARG E 408 24.23 18.19 -5.42
C ARG E 408 22.70 18.13 -5.44
N ASN E 409 22.05 19.25 -5.75
CA ASN E 409 20.60 19.30 -5.92
C ASN E 409 20.18 19.20 -7.38
N THR E 410 21.17 19.20 -8.28
CA THR E 410 20.94 19.51 -9.68
C THR E 410 19.85 18.68 -10.38
N GLN E 411 19.81 17.38 -10.08
CA GLN E 411 18.79 16.51 -10.65
C GLN E 411 17.41 17.02 -10.25
N ASP E 412 17.17 17.09 -8.95
CA ASP E 412 15.91 17.59 -8.43
C ASP E 412 15.57 18.99 -8.97
N HIS E 413 16.43 19.98 -8.77
CA HIS E 413 16.19 21.30 -9.35
C HIS E 413 15.68 21.26 -10.81
N VAL E 414 16.42 20.59 -11.67
CA VAL E 414 16.08 20.57 -13.08
C VAL E 414 14.77 19.82 -13.32
N ARG E 415 14.59 18.67 -12.63
CA ARG E 415 13.36 17.88 -12.72
C ARG E 415 12.10 18.71 -12.41
N SER E 416 12.09 19.25 -11.21
CA SER E 416 11.18 20.31 -10.81
C SER E 416 10.86 21.30 -11.95
N LEU E 417 11.86 21.95 -12.53
CA LEU E 417 11.63 22.90 -13.60
C LEU E 417 10.94 22.30 -14.84
N CYS E 418 11.27 21.05 -15.15
CA CYS E 418 10.62 20.41 -16.29
C CYS E 418 9.13 20.31 -16.03
N LEU E 419 8.79 19.89 -14.81
CA LEU E 419 7.41 19.75 -14.40
C LEU E 419 6.59 21.02 -14.63
N LEU E 420 7.29 22.14 -14.75
CA LEU E 420 6.67 23.43 -14.96
C LEU E 420 6.68 23.77 -16.45
N ALA E 421 7.82 23.53 -17.07
CA ALA E 421 8.09 24.01 -18.42
C ALA E 421 7.23 23.39 -19.50
N TRP E 422 6.80 22.15 -19.28
CA TRP E 422 6.24 21.39 -20.39
C TRP E 422 4.87 21.89 -20.81
N HIS E 423 4.20 22.66 -19.94
CA HIS E 423 2.93 23.32 -20.28
C HIS E 423 3.10 24.30 -21.44
N ASN E 424 4.32 24.73 -21.70
CA ASN E 424 4.58 25.54 -22.88
C ASN E 424 4.43 24.77 -24.21
N GLY E 425 4.20 23.46 -24.12
CA GLY E 425 3.95 22.65 -25.31
C GLY E 425 5.15 21.87 -25.79
N GLU E 426 4.91 20.82 -26.58
CA GLU E 426 5.95 19.85 -26.94
C GLU E 426 7.15 20.45 -27.64
N GLU E 427 6.90 21.45 -28.48
CA GLU E 427 7.96 22.06 -29.27
C GLU E 427 8.93 22.77 -28.34
N GLU E 428 8.40 23.60 -27.46
CA GLU E 428 9.27 24.36 -26.55
C GLU E 428 9.96 23.45 -25.52
N TYR E 429 9.34 22.32 -25.18
CA TYR E 429 9.85 21.49 -24.10
C TYR E 429 10.93 20.56 -24.59
N ASN E 430 10.78 20.07 -25.82
CA ASN E 430 11.83 19.24 -26.41
C ASN E 430 13.11 20.03 -26.66
N LYS E 431 12.96 21.33 -26.92
CA LYS E 431 14.08 22.22 -27.14
C LYS E 431 14.76 22.62 -25.83
N PHE E 432 13.95 22.74 -24.79
CA PHE E 432 14.42 22.89 -23.43
C PHE E 432 15.30 21.69 -23.09
N LEU E 433 14.74 20.50 -23.23
CA LEU E 433 15.51 19.29 -23.01
C LEU E 433 16.77 19.23 -23.88
N ALA E 434 16.72 19.81 -25.08
CA ALA E 434 17.93 19.82 -25.92
C ALA E 434 19.01 20.71 -25.32
N LYS E 435 18.63 21.94 -24.94
CA LYS E 435 19.59 22.86 -24.34
C LYS E 435 20.24 22.25 -23.10
N ILE E 436 19.42 21.66 -22.24
CA ILE E 436 19.90 21.00 -21.04
C ILE E 436 20.97 19.96 -21.38
N ARG E 437 20.62 19.07 -22.29
CA ARG E 437 21.50 17.97 -22.65
C ARG E 437 22.72 18.39 -23.47
N SER E 438 22.79 19.65 -23.88
CA SER E 438 24.00 20.14 -24.56
C SER E 438 25.22 20.22 -23.62
N VAL E 439 25.01 19.91 -22.35
CA VAL E 439 26.14 19.79 -21.40
C VAL E 439 26.13 18.44 -20.71
N PRO E 440 27.33 17.88 -20.51
CA PRO E 440 27.49 16.51 -20.01
C PRO E 440 26.65 16.18 -18.78
N ILE E 441 26.34 17.20 -17.98
CA ILE E 441 25.53 17.01 -16.79
C ILE E 441 24.10 16.75 -17.25
N GLY E 442 23.53 17.65 -18.06
CA GLY E 442 22.26 17.44 -18.73
C GLY E 442 21.97 16.01 -19.14
N ARG E 443 22.93 15.38 -19.81
CA ARG E 443 22.74 14.02 -20.28
C ARG E 443 22.84 13.02 -19.16
N ALA E 444 23.34 13.46 -18.02
CA ALA E 444 23.46 12.57 -16.89
C ALA E 444 22.13 12.42 -16.19
N LEU E 445 21.26 13.41 -16.38
CA LEU E 445 20.00 13.51 -15.63
C LEU E 445 18.89 12.58 -16.11
N ASP E 446 17.97 12.23 -15.20
CA ASP E 446 16.76 11.52 -15.60
C ASP E 446 15.61 12.52 -15.74
N LEU E 447 15.34 12.93 -16.98
CA LEU E 447 14.29 13.89 -17.28
C LEU E 447 13.11 13.24 -17.99
N PRO E 448 11.88 13.64 -17.63
CA PRO E 448 10.68 13.04 -18.22
C PRO E 448 10.36 13.53 -19.64
N GLU E 449 9.83 12.64 -20.48
CA GLU E 449 9.45 13.01 -21.83
C GLU E 449 8.04 13.64 -21.87
N TYR E 450 7.82 14.52 -22.84
CA TYR E 450 6.57 15.27 -22.94
C TYR E 450 5.36 14.36 -22.96
N SER E 451 5.50 13.24 -23.65
CA SER E 451 4.50 12.19 -23.67
C SER E 451 4.13 11.77 -22.24
N THR E 452 5.14 11.65 -21.41
CA THR E 452 4.96 11.06 -20.10
C THR E 452 4.30 12.04 -19.15
N LEU E 453 4.66 13.31 -19.32
CA LEU E 453 4.07 14.39 -18.54
C LEU E 453 2.60 14.59 -18.92
N TYR E 454 2.32 14.75 -20.22
CA TYR E 454 0.95 14.88 -20.69
C TYR E 454 0.07 13.74 -20.17
N ARG E 455 0.56 12.51 -20.32
CA ARG E 455 -0.21 11.32 -19.99
C ARG E 455 -0.50 11.28 -18.52
N ARG E 456 0.39 11.90 -17.75
CA ARG E 456 0.30 11.84 -16.30
C ARG E 456 -0.58 13.01 -15.80
N TRP E 457 -0.48 14.14 -16.49
CA TRP E 457 -1.38 15.27 -16.26
C TRP E 457 -2.86 14.93 -16.44
N LEU E 458 -3.21 14.35 -17.60
CA LEU E 458 -4.56 13.87 -17.85
C LEU E 458 -4.98 12.84 -16.81
N ASP E 459 -4.18 11.79 -16.62
CA ASP E 459 -4.50 10.74 -15.66
C ASP E 459 -4.73 11.30 -14.25
N SER E 460 -4.00 12.35 -13.87
CA SER E 460 -4.16 12.95 -12.54
C SER E 460 -5.56 13.46 -12.28
N PHE E 461 -6.32 13.68 -13.35
CA PHE E 461 -7.66 14.27 -13.23
C PHE E 461 -8.76 13.30 -12.80
N GLY E 462 -8.43 12.06 -12.46
CA GLY E 462 -9.41 11.10 -11.96
C GLY E 462 -8.90 9.73 -11.57
C1 GOL I . -4.21 -46.42 8.99
O1 GOL I . -4.82 -47.66 9.21
C2 GOL I . -2.70 -46.60 9.06
O2 GOL I . -2.39 -47.96 9.30
C3 GOL I . -2.14 -45.73 10.18
O3 GOL I . -0.74 -45.64 9.99
ZN ZN J . -2.30 -50.19 -19.69
C1 GOL K . -4.28 -26.75 3.86
O1 GOL K . -5.40 -26.03 4.35
C2 GOL K . -3.54 -27.46 5.00
O2 GOL K . -2.81 -28.53 4.44
C3 GOL K . -2.54 -26.54 5.70
O3 GOL K . -2.00 -27.14 6.87
C1 GOL L . -2.19 39.95 -11.69
O1 GOL L . -3.08 39.41 -10.75
C2 GOL L . -0.89 39.14 -11.76
O2 GOL L . -1.07 37.82 -11.30
C3 GOL L . 0.23 39.84 -10.98
O3 GOL L . -0.14 39.98 -9.61
C1 GOL M . 6.16 46.06 -9.17
O1 GOL M . 6.89 45.43 -10.20
C2 GOL M . 4.67 45.86 -9.46
O2 GOL M . 4.02 45.26 -8.35
C3 GOL M . 4.03 47.21 -9.77
O3 GOL M . 4.70 48.20 -9.02
ZN ZN N . 6.57 49.81 19.67
#